data_3EGJ
#
_entry.id   3EGJ
#
_cell.length_a   77.001
_cell.length_b   77.001
_cell.length_c   282.549
_cell.angle_alpha   90.000
_cell.angle_beta   90.000
_cell.angle_gamma   90.000
#
_symmetry.space_group_name_H-M   'P 43 2 2'
#
loop_
_entity.id
_entity.type
_entity.pdbx_description
1 polymer 'N-acetylglucosamine-6-phosphate deacetylase'
2 non-polymer 'NICKEL (II) ION'
3 non-polymer 'SULFATE ION'
4 water water
#
_entity_poly.entity_id   1
_entity_poly.type   'polypeptide(L)'
_entity_poly.pdbx_seq_one_letter_code
;SNAMYALTNCKIYTGNDVLVKHAVIINGDKIEAVCPIESLPSEMNVVDLNGANLSPGFIDLQLNGCGGVMFNDEITAETI
DTMHKANLKSGCTSFLPTLITSSDENMRQAIAAAREYQAKYPNQSLGLHLEGPYLNVMKKGIHSVDFIRPSDDTMIDTIC
ANSDVIAKVTLAPENNKPEHIEKLVKAGIVVSIGHTNATYSEARKSFESGITFATHLFNAMTPMVGREPGVVGAIYDTPE
VYAGIIADGFHVDYANIRIAHKIKGEKLVLVTDATAPAGAEMDYFIFVGKKVYYRDGKCVDENGTLGGSALTMIEAVQNT
VEHVGIALDEALRMATLYPAKAIGVDEKLGRIKKGMIANLTVFDRDFNVKATVVNGQYEQN
;
_entity_poly.pdbx_strand_id   A,B
#
loop_
_chem_comp.id
_chem_comp.type
_chem_comp.name
_chem_comp.formula
NI non-polymer 'NICKEL (II) ION' 'Ni 2'
SO4 non-polymer 'SULFATE ION' 'O4 S -2'
#
# COMPACT_ATOMS: atom_id res chain seq x y z
N ASN A 2 2.93 -38.18 -0.79
CA ASN A 2 3.62 -39.10 0.16
C ASN A 2 4.96 -38.51 0.66
N ALA A 3 5.93 -38.42 -0.25
CA ALA A 3 7.16 -37.65 0.04
C ALA A 3 6.79 -36.15 0.06
N MET A 4 7.64 -35.34 0.67
CA MET A 4 7.45 -33.89 0.67
C MET A 4 7.80 -33.31 -0.71
N TYR A 5 7.38 -32.07 -0.96
CA TYR A 5 7.87 -31.26 -2.09
C TYR A 5 8.05 -29.80 -1.72
N ALA A 6 9.06 -29.13 -2.27
CA ALA A 6 9.21 -27.69 -1.97
C ALA A 6 8.80 -26.82 -3.14
N LEU A 7 8.02 -25.77 -2.84
CA LEU A 7 7.81 -24.69 -3.81
C LEU A 7 9.01 -23.82 -3.78
N THR A 8 9.36 -23.28 -4.93
CA THR A 8 10.67 -22.73 -5.09
C THR A 8 10.67 -21.72 -6.22
N ASN A 9 11.67 -20.83 -6.19
CA ASN A 9 11.75 -19.64 -7.04
C ASN A 9 10.50 -18.74 -6.99
N CYS A 10 10.34 -17.95 -5.93
CA CYS A 10 9.18 -17.05 -5.80
C CYS A 10 9.29 -16.03 -4.68
N LYS A 11 8.46 -15.00 -4.77
CA LYS A 11 8.32 -14.00 -3.73
C LYS A 11 7.26 -14.58 -2.82
N ILE A 12 7.63 -14.83 -1.58
CA ILE A 12 6.68 -15.43 -0.67
C ILE A 12 6.10 -14.37 0.27
N TYR A 13 4.78 -14.21 0.23
CA TYR A 13 4.08 -13.36 1.18
C TYR A 13 3.55 -14.22 2.34
N THR A 14 4.36 -14.43 3.41
CA THR A 14 3.95 -15.31 4.54
C THR A 14 2.84 -14.71 5.35
N GLY A 15 2.60 -13.41 5.17
CA GLY A 15 1.52 -12.77 5.90
C GLY A 15 2.14 -11.90 6.97
N ASN A 16 3.35 -12.26 7.40
CA ASN A 16 4.16 -11.39 8.21
C ASN A 16 5.35 -10.85 7.43
N ASP A 17 5.81 -11.57 6.41
CA ASP A 17 6.97 -11.13 5.65
C ASP A 17 6.90 -11.49 4.19
N VAL A 18 7.52 -10.66 3.37
CA VAL A 18 7.73 -11.05 1.98
C VAL A 18 9.21 -11.45 1.74
N LEU A 19 9.39 -12.70 1.33
CA LEU A 19 10.67 -13.33 1.27
C LEU A 19 11.07 -13.64 -0.16
N VAL A 20 12.31 -13.28 -0.51
CA VAL A 20 12.93 -13.66 -1.78
C VAL A 20 13.97 -14.73 -1.49
N LYS A 21 14.20 -15.62 -2.46
CA LYS A 21 15.28 -16.60 -2.33
C LYS A 21 15.02 -17.50 -1.09
N HIS A 22 13.76 -17.85 -0.88
CA HIS A 22 13.34 -18.80 0.16
C HIS A 22 12.43 -19.78 -0.51
N ALA A 23 12.01 -20.83 0.17
CA ALA A 23 11.04 -21.75 -0.44
C ALA A 23 10.10 -22.32 0.62
N VAL A 24 9.00 -22.96 0.21
CA VAL A 24 8.23 -23.67 1.23
C VAL A 24 8.16 -25.16 0.95
N ILE A 25 8.57 -25.93 1.95
CA ILE A 25 8.52 -27.36 1.86
C ILE A 25 7.12 -27.62 2.32
N ILE A 26 6.36 -28.38 1.56
CA ILE A 26 5.05 -28.76 2.03
C ILE A 26 5.04 -30.28 2.26
N ASN A 27 4.49 -30.71 3.39
CA ASN A 27 4.48 -32.13 3.75
C ASN A 27 3.08 -32.71 4.00
N GLY A 28 2.52 -33.36 2.98
CA GLY A 28 1.14 -33.82 3.05
C GLY A 28 0.20 -32.62 2.95
N ASP A 29 -0.58 -32.39 3.99
CA ASP A 29 -1.48 -31.25 3.97
C ASP A 29 -0.91 -30.05 4.76
N LYS A 30 0.34 -30.17 5.13
CA LYS A 30 0.91 -29.19 6.01
C LYS A 30 2.21 -28.57 5.49
N ILE A 31 2.44 -27.34 5.90
CA ILE A 31 3.67 -26.66 5.62
C ILE A 31 4.64 -27.11 6.66
N GLU A 32 5.85 -27.40 6.19
CA GLU A 32 6.89 -27.98 7.01
C GLU A 32 7.94 -26.99 7.47
N ALA A 33 8.39 -26.16 6.54
CA ALA A 33 9.29 -25.05 6.85
C ALA A 33 9.10 -23.92 5.83
N VAL A 34 9.47 -22.72 6.23
CA VAL A 34 9.70 -21.66 5.27
C VAL A 34 11.15 -21.26 5.51
N CYS A 35 12.01 -21.46 4.52
CA CYS A 35 13.44 -21.28 4.75
C CYS A 35 14.20 -20.94 3.47
N PRO A 36 15.48 -20.50 3.62
CA PRO A 36 16.20 -19.96 2.48
C PRO A 36 16.43 -21.05 1.49
N ILE A 37 16.15 -20.75 0.21
CA ILE A 37 16.24 -21.76 -0.86
C ILE A 37 17.39 -22.73 -0.64
N GLU A 38 18.61 -22.19 -0.56
CA GLU A 38 19.82 -22.98 -0.32
C GLU A 38 19.91 -23.67 1.06
N SER A 39 18.81 -24.26 1.50
CA SER A 39 18.81 -25.07 2.72
C SER A 39 18.06 -26.36 2.45
N LEU A 40 17.41 -26.43 1.29
CA LEU A 40 16.59 -27.56 0.97
C LEU A 40 17.51 -28.77 0.85
N PRO A 41 17.08 -29.95 1.37
CA PRO A 41 17.92 -31.13 1.24
C PRO A 41 18.23 -31.47 -0.22
N SER A 42 19.35 -32.17 -0.42
CA SER A 42 19.90 -32.44 -1.75
C SER A 42 18.86 -32.90 -2.80
N GLU A 43 18.26 -34.07 -2.58
CA GLU A 43 17.24 -34.59 -3.50
C GLU A 43 15.84 -34.49 -2.89
N MET A 44 15.55 -33.31 -2.37
CA MET A 44 14.20 -32.89 -2.06
C MET A 44 13.51 -32.51 -3.38
N ASN A 45 12.38 -33.15 -3.64
CA ASN A 45 11.54 -32.80 -4.78
C ASN A 45 11.23 -31.30 -4.82
N VAL A 46 11.34 -30.66 -5.99
CA VAL A 46 11.08 -29.19 -6.05
C VAL A 46 10.15 -28.67 -7.19
N VAL A 47 9.42 -27.58 -6.93
CA VAL A 47 8.58 -26.95 -7.96
C VAL A 47 8.94 -25.49 -8.13
N ASP A 48 9.58 -25.20 -9.26
CA ASP A 48 9.99 -23.86 -9.62
C ASP A 48 8.76 -23.02 -10.03
N LEU A 49 8.48 -21.98 -9.28
CA LEU A 49 7.34 -21.11 -9.57
C LEU A 49 7.69 -19.94 -10.50
N ASN A 50 8.81 -20.11 -11.19
CA ASN A 50 9.28 -19.16 -12.17
C ASN A 50 9.18 -17.71 -11.65
N GLY A 51 9.59 -17.55 -10.40
CA GLY A 51 9.65 -16.25 -9.77
C GLY A 51 8.34 -15.57 -9.44
N ALA A 52 7.20 -16.23 -9.65
CA ALA A 52 5.88 -15.66 -9.37
C ALA A 52 5.64 -15.41 -7.88
N ASN A 53 4.42 -14.96 -7.55
CA ASN A 53 4.08 -14.69 -6.16
C ASN A 53 3.39 -15.85 -5.52
N LEU A 54 3.77 -16.09 -4.27
CA LEU A 54 3.17 -17.13 -3.44
C LEU A 54 2.53 -16.52 -2.16
N SER A 55 1.21 -16.64 -2.05
CA SER A 55 0.48 -16.19 -0.86
C SER A 55 -0.37 -17.37 -0.37
N PRO A 56 -0.92 -17.31 0.87
CA PRO A 56 -1.95 -18.30 1.17
C PRO A 56 -3.12 -18.16 0.18
N GLY A 57 -3.85 -19.25 -0.04
CA GLY A 57 -5.06 -19.20 -0.83
C GLY A 57 -6.02 -18.19 -0.24
N PHE A 58 -6.76 -17.52 -1.11
CA PHE A 58 -7.76 -16.53 -0.66
C PHE A 58 -8.98 -17.18 -0.04
N ILE A 59 -9.47 -16.53 1.02
CA ILE A 59 -10.70 -16.94 1.71
C ILE A 59 -11.84 -15.96 1.53
N ASP A 60 -12.82 -16.37 0.73
CA ASP A 60 -14.06 -15.61 0.51
C ASP A 60 -15.13 -15.89 1.57
N LEU A 61 -15.48 -14.91 2.42
CA LEU A 61 -16.57 -15.10 3.42
C LEU A 61 -17.99 -14.84 2.91
N GLN A 62 -18.09 -14.35 1.68
CA GLN A 62 -19.38 -14.17 1.03
C GLN A 62 -19.34 -14.49 -0.48
N LEU A 63 -20.02 -15.58 -0.80
CA LEU A 63 -20.04 -16.17 -2.13
C LEU A 63 -21.38 -16.88 -2.34
N ASN A 64 -22.21 -16.35 -3.23
CA ASN A 64 -23.51 -16.96 -3.47
C ASN A 64 -23.41 -18.12 -4.47
N GLY A 65 -22.34 -18.10 -5.24
CA GLY A 65 -22.13 -19.11 -6.26
C GLY A 65 -21.39 -18.44 -7.37
N CYS A 66 -20.98 -19.23 -8.37
CA CYS A 66 -20.09 -18.79 -9.41
C CYS A 66 -19.95 -20.06 -10.23
N GLY A 67 -18.92 -20.12 -11.06
CA GLY A 67 -18.74 -21.26 -11.95
C GLY A 67 -19.97 -21.57 -12.78
N GLY A 68 -20.87 -20.61 -12.91
CA GLY A 68 -22.12 -20.83 -13.62
C GLY A 68 -23.27 -21.34 -12.78
N VAL A 69 -23.01 -21.66 -11.50
CA VAL A 69 -24.07 -22.09 -10.57
C VAL A 69 -24.44 -21.07 -9.49
N MET A 70 -25.62 -21.26 -8.90
CA MET A 70 -26.09 -20.46 -7.75
C MET A 70 -26.55 -21.39 -6.64
N PHE A 71 -25.88 -21.31 -5.50
CA PHE A 71 -26.26 -22.16 -4.39
C PHE A 71 -27.80 -22.18 -4.07
N ASN A 72 -28.51 -21.07 -4.23
CA ASN A 72 -29.94 -21.01 -3.91
C ASN A 72 -30.88 -21.87 -4.77
N ASP A 73 -30.54 -22.11 -6.03
CA ASP A 73 -31.32 -23.03 -6.89
C ASP A 73 -30.93 -24.44 -6.56
N GLU A 74 -29.73 -24.81 -6.95
CA GLU A 74 -29.29 -26.13 -6.67
C GLU A 74 -28.69 -26.11 -5.29
N ILE A 75 -29.51 -26.24 -4.25
CA ILE A 75 -28.95 -26.20 -2.91
C ILE A 75 -28.43 -27.59 -2.64
N THR A 76 -27.36 -27.97 -3.32
CA THR A 76 -26.82 -29.28 -3.07
C THR A 76 -25.32 -29.25 -2.80
N ALA A 77 -24.84 -30.34 -2.18
CA ALA A 77 -23.42 -30.57 -1.91
C ALA A 77 -22.56 -30.50 -3.17
N GLU A 78 -23.12 -30.91 -4.30
CA GLU A 78 -22.41 -30.92 -5.57
C GLU A 78 -22.25 -29.50 -6.17
N THR A 79 -23.26 -28.64 -5.99
CA THR A 79 -23.13 -27.20 -6.30
C THR A 79 -21.91 -26.56 -5.60
N ILE A 80 -21.78 -26.83 -4.30
CA ILE A 80 -20.62 -26.42 -3.48
C ILE A 80 -19.31 -26.86 -4.10
N ASP A 81 -19.22 -28.17 -4.34
CA ASP A 81 -18.09 -28.76 -5.02
C ASP A 81 -17.71 -27.99 -6.24
N THR A 82 -18.69 -27.74 -7.11
CA THR A 82 -18.35 -27.05 -8.32
C THR A 82 -17.90 -25.61 -8.11
N MET A 83 -18.59 -24.85 -7.26
CA MET A 83 -18.09 -23.50 -6.90
C MET A 83 -16.64 -23.56 -6.37
N HIS A 84 -16.35 -24.55 -5.52
CA HIS A 84 -15.01 -24.72 -5.01
C HIS A 84 -13.97 -24.79 -6.15
N LYS A 85 -14.18 -25.64 -7.15
CA LYS A 85 -13.25 -25.67 -8.28
C LYS A 85 -13.27 -24.40 -9.10
N ALA A 86 -14.44 -23.79 -9.27
CA ALA A 86 -14.46 -22.52 -9.91
C ALA A 86 -13.56 -21.52 -9.12
N ASN A 87 -13.67 -21.47 -7.78
CA ASN A 87 -12.84 -20.55 -6.98
C ASN A 87 -11.38 -20.69 -7.34
N LEU A 88 -10.93 -21.93 -7.31
CA LEU A 88 -9.55 -22.26 -7.55
C LEU A 88 -8.97 -21.60 -8.79
N LYS A 89 -9.76 -21.37 -9.83
CA LYS A 89 -9.25 -20.68 -11.04
C LYS A 89 -9.09 -19.15 -10.82
N SER A 90 -9.08 -18.72 -9.57
CA SER A 90 -8.88 -17.31 -9.29
C SER A 90 -8.37 -17.26 -7.90
N GLY A 91 -7.83 -18.40 -7.46
CA GLY A 91 -6.87 -18.46 -6.35
C GLY A 91 -7.54 -18.46 -5.00
N CYS A 92 -8.85 -18.64 -5.03
CA CYS A 92 -9.66 -18.79 -3.83
C CYS A 92 -9.76 -20.23 -3.35
N THR A 93 -9.25 -20.54 -2.18
CA THR A 93 -9.23 -21.96 -1.79
C THR A 93 -10.27 -22.36 -0.72
N SER A 94 -10.88 -21.36 -0.07
CA SER A 94 -11.86 -21.60 0.98
C SER A 94 -12.89 -20.49 1.05
N PHE A 95 -14.11 -20.87 1.41
CA PHE A 95 -15.25 -19.97 1.32
C PHE A 95 -16.45 -20.42 2.10
N LEU A 96 -17.40 -19.49 2.21
CA LEU A 96 -18.67 -19.75 2.86
C LEU A 96 -19.77 -19.83 1.81
N PRO A 97 -20.14 -21.06 1.42
CA PRO A 97 -21.31 -21.17 0.59
C PRO A 97 -22.43 -20.36 1.26
N THR A 98 -22.84 -19.30 0.60
CA THR A 98 -23.74 -18.37 1.21
C THR A 98 -25.11 -18.50 0.53
N LEU A 99 -26.14 -18.63 1.36
CA LEU A 99 -27.52 -18.92 0.98
C LEU A 99 -28.43 -17.73 1.37
N ILE A 100 -29.04 -17.06 0.40
CA ILE A 100 -29.77 -15.85 0.72
C ILE A 100 -31.21 -16.14 1.10
N THR A 101 -31.91 -15.08 1.55
CA THR A 101 -33.16 -15.21 2.34
C THR A 101 -34.21 -16.10 1.63
N SER A 102 -34.66 -17.17 2.30
CA SER A 102 -35.57 -18.16 1.67
C SER A 102 -36.39 -18.97 2.67
N SER A 103 -37.11 -19.97 2.17
CA SER A 103 -37.98 -20.78 3.03
C SER A 103 -37.17 -21.48 4.13
N ASP A 104 -37.80 -21.67 5.29
CA ASP A 104 -37.25 -22.48 6.36
C ASP A 104 -36.72 -23.82 5.82
N GLU A 105 -37.41 -24.36 4.80
CA GLU A 105 -37.04 -25.65 4.24
C GLU A 105 -35.82 -25.60 3.35
N ASN A 106 -35.66 -24.45 2.69
CA ASN A 106 -34.48 -24.14 1.91
C ASN A 106 -33.29 -24.12 2.84
N MET A 107 -33.51 -23.53 3.98
CA MET A 107 -32.51 -23.47 5.00
C MET A 107 -32.11 -24.86 5.52
N ARG A 108 -33.12 -25.71 5.70
CA ARG A 108 -32.86 -27.01 6.27
C ARG A 108 -31.92 -27.86 5.39
N GLN A 109 -32.00 -27.68 4.06
CA GLN A 109 -31.18 -28.50 3.15
C GLN A 109 -29.77 -27.99 2.89
N ALA A 110 -29.53 -26.70 3.13
CA ALA A 110 -28.20 -26.16 2.92
C ALA A 110 -27.34 -26.64 4.07
N ILE A 111 -27.97 -26.66 5.24
CA ILE A 111 -27.45 -27.29 6.42
C ILE A 111 -26.94 -28.69 6.06
N ALA A 112 -27.78 -29.48 5.38
CA ALA A 112 -27.37 -30.82 4.96
C ALA A 112 -26.26 -30.74 3.93
N ALA A 113 -26.48 -29.91 2.91
CA ALA A 113 -25.56 -29.83 1.80
C ALA A 113 -24.14 -29.55 2.30
N ALA A 114 -24.04 -28.64 3.27
CA ALA A 114 -22.74 -28.25 3.82
C ALA A 114 -22.20 -29.44 4.61
N ARG A 115 -23.03 -30.01 5.48
CA ARG A 115 -22.65 -31.15 6.31
C ARG A 115 -22.07 -32.29 5.46
N GLU A 116 -22.72 -32.58 4.35
CA GLU A 116 -22.28 -33.65 3.47
C GLU A 116 -20.92 -33.38 2.87
N TYR A 117 -20.77 -32.15 2.39
CA TYR A 117 -19.55 -31.74 1.71
C TYR A 117 -18.37 -31.75 2.68
N GLN A 118 -18.50 -31.09 3.82
CA GLN A 118 -17.34 -30.95 4.68
C GLN A 118 -17.11 -32.20 5.53
N ALA A 119 -17.93 -33.24 5.36
CA ALA A 119 -17.55 -34.51 5.95
C ALA A 119 -16.49 -35.07 5.02
N LYS A 120 -16.79 -35.02 3.72
CA LYS A 120 -15.94 -35.45 2.59
C LYS A 120 -14.59 -34.67 2.38
N TYR A 121 -14.64 -33.32 2.44
CA TYR A 121 -13.46 -32.48 2.24
C TYR A 121 -13.35 -31.45 3.34
N PRO A 122 -12.14 -31.31 3.94
CA PRO A 122 -11.94 -30.28 4.94
C PRO A 122 -11.34 -28.99 4.32
N ASN A 123 -11.44 -27.91 5.07
CA ASN A 123 -10.81 -26.62 4.73
C ASN A 123 -11.23 -26.01 3.43
N GLN A 124 -12.36 -26.43 2.88
CA GLN A 124 -12.75 -25.85 1.61
C GLN A 124 -13.95 -24.91 1.83
N SER A 125 -15.13 -25.49 1.98
CA SER A 125 -16.22 -24.73 2.55
C SER A 125 -16.03 -24.86 4.05
N LEU A 126 -16.00 -23.74 4.76
CA LEU A 126 -15.80 -23.84 6.21
C LEU A 126 -17.04 -23.40 6.94
N GLY A 127 -18.22 -23.75 6.45
CA GLY A 127 -19.44 -23.39 7.13
C GLY A 127 -20.28 -22.57 6.20
N LEU A 128 -21.57 -22.51 6.48
CA LEU A 128 -22.49 -21.75 5.66
C LEU A 128 -22.49 -20.32 6.09
N HIS A 129 -22.75 -19.42 5.17
CA HIS A 129 -23.11 -18.06 5.51
C HIS A 129 -24.61 -17.97 5.27
N LEU A 130 -25.38 -17.82 6.34
CA LEU A 130 -26.80 -17.63 6.17
C LEU A 130 -27.13 -16.16 6.11
N GLU A 131 -27.36 -15.68 4.91
CA GLU A 131 -27.67 -14.28 4.74
C GLU A 131 -29.16 -14.07 4.64
N GLY A 132 -29.75 -13.73 5.80
CA GLY A 132 -31.19 -13.60 5.98
C GLY A 132 -31.77 -14.85 6.61
N PRO A 133 -33.12 -14.94 6.68
CA PRO A 133 -34.11 -14.03 6.11
C PRO A 133 -34.45 -12.82 6.99
N TYR A 134 -34.06 -12.88 8.27
CA TYR A 134 -34.45 -11.91 9.31
C TYR A 134 -33.77 -10.56 9.11
N LEU A 135 -34.28 -9.85 8.11
CA LEU A 135 -33.73 -8.59 7.60
C LEU A 135 -34.77 -7.48 7.69
N ASN A 136 -34.41 -6.30 7.19
CA ASN A 136 -35.30 -5.15 7.16
C ASN A 136 -35.75 -4.83 5.73
N VAL A 137 -37.08 -4.79 5.51
CA VAL A 137 -37.70 -4.55 4.17
C VAL A 137 -37.21 -3.28 3.45
N MET A 138 -36.92 -2.23 4.21
CA MET A 138 -36.45 -0.94 3.67
C MET A 138 -35.01 -1.03 3.11
N LYS A 139 -34.24 -1.99 3.62
CA LYS A 139 -32.89 -2.34 3.08
C LYS A 139 -32.85 -3.75 2.44
N LYS A 140 -33.90 -4.10 1.70
CA LYS A 140 -34.09 -5.48 1.18
C LYS A 140 -33.15 -5.91 0.06
N GLY A 141 -32.63 -4.94 -0.71
CA GLY A 141 -31.86 -5.20 -1.94
C GLY A 141 -32.66 -5.97 -2.99
N ILE A 142 -32.15 -7.16 -3.33
CA ILE A 142 -32.79 -8.13 -4.24
C ILE A 142 -33.64 -9.16 -3.44
N HIS A 143 -33.40 -9.23 -2.12
CA HIS A 143 -34.01 -10.23 -1.24
C HIS A 143 -35.53 -10.14 -1.21
N SER A 144 -36.18 -11.08 -1.90
CA SER A 144 -37.64 -11.13 -2.06
C SER A 144 -38.42 -10.55 -0.88
N VAL A 145 -39.37 -9.67 -1.21
CA VAL A 145 -40.34 -9.14 -0.24
C VAL A 145 -41.22 -10.22 0.41
N ASP A 146 -41.07 -11.48 -0.03
CA ASP A 146 -41.88 -12.57 0.51
C ASP A 146 -41.22 -13.37 1.64
N PHE A 147 -39.95 -13.72 1.49
CA PHE A 147 -39.30 -14.57 2.50
C PHE A 147 -38.50 -13.85 3.61
N ILE A 148 -38.39 -12.51 3.52
CA ILE A 148 -37.90 -11.68 4.65
C ILE A 148 -38.93 -11.72 5.81
N ARG A 149 -38.44 -12.00 7.02
CA ARG A 149 -39.32 -12.20 8.18
C ARG A 149 -38.61 -11.78 9.47
N PRO A 150 -39.32 -11.80 10.62
CA PRO A 150 -38.52 -11.58 11.83
C PRO A 150 -37.93 -12.92 12.31
N SER A 151 -36.94 -12.88 13.18
CA SER A 151 -36.37 -14.10 13.74
C SER A 151 -37.34 -14.82 14.70
N ASP A 152 -37.78 -16.02 14.34
CA ASP A 152 -38.62 -16.84 15.24
C ASP A 152 -37.71 -17.70 16.11
N ASP A 153 -38.21 -18.13 17.26
CA ASP A 153 -37.35 -18.87 18.18
C ASP A 153 -36.86 -20.13 17.47
N THR A 154 -37.80 -20.96 17.00
CA THR A 154 -37.55 -22.17 16.19
C THR A 154 -36.31 -22.19 15.30
N MET A 155 -36.30 -21.31 14.31
CA MET A 155 -35.30 -21.42 13.28
C MET A 155 -33.92 -20.94 13.73
N ILE A 156 -33.85 -20.21 14.83
CA ILE A 156 -32.54 -19.91 15.48
C ILE A 156 -32.06 -21.13 16.25
N ASP A 157 -32.99 -21.74 16.97
CA ASP A 157 -32.75 -23.01 17.63
C ASP A 157 -32.18 -24.01 16.65
N THR A 158 -32.76 -24.07 15.46
CA THR A 158 -32.19 -24.89 14.41
C THR A 158 -30.77 -24.46 14.07
N ILE A 159 -30.58 -23.18 13.79
CA ILE A 159 -29.28 -22.67 13.35
C ILE A 159 -28.22 -23.02 14.37
N CYS A 160 -28.58 -22.93 15.64
CA CYS A 160 -27.65 -23.21 16.71
C CYS A 160 -27.34 -24.69 16.83
N ALA A 161 -28.35 -25.54 16.72
CA ALA A 161 -28.14 -26.96 16.80
C ALA A 161 -27.22 -27.43 15.67
N ASN A 162 -27.07 -26.60 14.65
CA ASN A 162 -26.27 -26.99 13.52
C ASN A 162 -25.07 -26.13 13.41
N SER A 163 -24.68 -25.50 14.50
CA SER A 163 -23.51 -24.62 14.53
C SER A 163 -22.23 -25.27 13.95
N ASP A 164 -22.07 -26.56 14.17
CA ASP A 164 -20.92 -27.27 13.64
C ASP A 164 -20.79 -27.28 12.09
N VAL A 165 -21.82 -26.84 11.36
CA VAL A 165 -21.70 -26.55 9.92
C VAL A 165 -22.13 -25.13 9.53
N ILE A 166 -22.52 -24.31 10.49
CA ILE A 166 -22.88 -22.95 10.13
C ILE A 166 -21.81 -22.03 10.64
N ALA A 167 -21.30 -21.17 9.76
CA ALA A 167 -20.15 -20.34 10.07
C ALA A 167 -20.58 -18.95 10.46
N LYS A 168 -21.59 -18.45 9.76
CA LYS A 168 -21.96 -17.05 9.89
C LYS A 168 -23.41 -16.84 9.53
N VAL A 169 -24.10 -16.01 10.31
CA VAL A 169 -25.39 -15.51 9.87
C VAL A 169 -25.29 -13.99 9.71
N THR A 170 -25.80 -13.44 8.60
CA THR A 170 -26.05 -11.99 8.53
C THR A 170 -27.51 -11.75 8.88
N LEU A 171 -27.73 -10.80 9.79
CA LEU A 171 -29.07 -10.36 10.16
C LEU A 171 -29.11 -8.86 10.50
N ALA A 172 -30.34 -8.33 10.53
CA ALA A 172 -30.64 -6.94 10.81
C ALA A 172 -31.18 -6.87 12.23
N PRO A 173 -30.35 -6.36 13.17
CA PRO A 173 -30.71 -6.47 14.58
C PRO A 173 -31.92 -5.63 14.96
N GLU A 174 -32.06 -4.47 14.33
CA GLU A 174 -32.95 -3.39 14.82
C GLU A 174 -34.36 -3.84 15.22
N ASN A 175 -34.80 -5.01 14.76
CA ASN A 175 -36.12 -5.43 15.21
C ASN A 175 -36.29 -6.89 15.62
N ASN A 176 -35.17 -7.59 15.79
CA ASN A 176 -35.14 -8.97 16.25
C ASN A 176 -34.59 -9.10 17.67
N LYS A 177 -34.88 -10.23 18.32
CA LYS A 177 -34.54 -10.40 19.73
C LYS A 177 -33.03 -10.33 19.97
N PRO A 178 -32.60 -9.56 20.99
CA PRO A 178 -31.16 -9.63 21.31
C PRO A 178 -30.74 -11.06 21.74
N GLU A 179 -31.66 -11.79 22.38
CA GLU A 179 -31.50 -13.19 22.77
C GLU A 179 -30.86 -13.95 21.62
N HIS A 180 -31.54 -13.86 20.48
CA HIS A 180 -31.16 -14.55 19.27
C HIS A 180 -29.73 -14.29 18.85
N ILE A 181 -29.28 -13.03 18.94
CA ILE A 181 -27.87 -12.73 18.67
C ILE A 181 -26.95 -13.48 19.66
N GLU A 182 -27.29 -13.41 20.95
CA GLU A 182 -26.38 -13.98 21.95
C GLU A 182 -26.36 -15.48 21.83
N LYS A 183 -27.52 -16.04 21.53
CA LYS A 183 -27.64 -17.47 21.38
C LYS A 183 -26.74 -18.01 20.29
N LEU A 184 -26.75 -17.32 19.16
CA LEU A 184 -25.94 -17.72 18.04
C LEU A 184 -24.47 -17.56 18.38
N VAL A 185 -24.14 -16.53 19.16
CA VAL A 185 -22.73 -16.29 19.50
C VAL A 185 -22.20 -17.38 20.45
N LYS A 186 -23.00 -17.65 21.49
CA LYS A 186 -22.81 -18.81 22.37
C LYS A 186 -22.49 -20.05 21.56
N ALA A 187 -23.26 -20.27 20.49
CA ALA A 187 -23.19 -21.49 19.69
C ALA A 187 -21.91 -21.54 18.84
N GLY A 188 -21.05 -20.54 19.01
CA GLY A 188 -19.86 -20.45 18.21
C GLY A 188 -20.09 -19.94 16.81
N ILE A 189 -21.28 -19.44 16.53
CA ILE A 189 -21.52 -18.83 15.21
C ILE A 189 -21.21 -17.33 15.25
N VAL A 190 -20.66 -16.84 14.14
CA VAL A 190 -20.39 -15.41 13.93
C VAL A 190 -21.66 -14.69 13.39
N VAL A 191 -22.13 -13.69 14.14
CA VAL A 191 -23.29 -12.96 13.69
C VAL A 191 -22.84 -11.63 13.11
N SER A 192 -23.30 -11.42 11.90
CA SER A 192 -22.95 -10.26 11.15
C SER A 192 -24.20 -9.37 10.95
N ILE A 193 -23.98 -8.06 11.13
CA ILE A 193 -24.98 -7.07 10.81
C ILE A 193 -25.00 -6.85 9.30
N GLY A 194 -26.18 -6.62 8.75
CA GLY A 194 -26.27 -6.35 7.33
C GLY A 194 -27.71 -6.29 6.91
N HIS A 195 -27.97 -5.56 5.82
CA HIS A 195 -29.31 -5.42 5.25
C HIS A 195 -30.24 -4.88 6.32
N THR A 196 -29.89 -3.72 6.82
CA THR A 196 -30.36 -3.26 8.09
C THR A 196 -30.55 -1.78 8.00
N ASN A 197 -31.67 -1.34 8.55
CA ASN A 197 -32.04 0.05 8.59
C ASN A 197 -31.76 0.55 10.03
N ALA A 198 -30.73 -0.01 10.67
CA ALA A 198 -30.43 0.28 12.09
C ALA A 198 -29.85 1.68 12.36
N THR A 199 -30.10 2.20 13.57
CA THR A 199 -29.46 3.43 13.99
C THR A 199 -28.10 3.08 14.55
N TYR A 200 -27.26 4.10 14.59
CA TYR A 200 -25.94 3.92 15.10
C TYR A 200 -26.08 3.25 16.45
N SER A 201 -26.95 3.78 17.31
CA SER A 201 -26.96 3.23 18.66
C SER A 201 -27.55 1.82 18.69
N GLU A 202 -28.42 1.53 17.72
CA GLU A 202 -28.98 0.17 17.55
C GLU A 202 -27.89 -0.83 17.20
N ALA A 203 -27.08 -0.49 16.21
CA ALA A 203 -25.96 -1.35 15.81
C ALA A 203 -24.97 -1.54 16.94
N ARG A 204 -24.90 -0.55 17.79
CA ARG A 204 -23.93 -0.59 18.85
C ARG A 204 -24.37 -1.60 19.87
N LYS A 205 -25.69 -1.62 20.10
CA LYS A 205 -26.33 -2.57 20.99
C LYS A 205 -26.05 -3.94 20.41
N SER A 206 -26.33 -4.06 19.12
CA SER A 206 -26.14 -5.32 18.43
C SER A 206 -24.72 -5.84 18.66
N PHE A 207 -23.73 -4.93 18.56
CA PHE A 207 -22.35 -5.34 18.71
C PHE A 207 -22.17 -5.93 20.08
N GLU A 208 -22.70 -5.18 21.06
CA GLU A 208 -22.59 -5.51 22.44
C GLU A 208 -23.27 -6.86 22.79
N SER A 209 -24.39 -7.18 22.15
CA SER A 209 -25.00 -8.50 22.25
C SER A 209 -24.09 -9.61 21.66
N GLY A 210 -23.23 -9.26 20.70
CA GLY A 210 -22.28 -10.23 20.20
C GLY A 210 -21.86 -10.15 18.77
N ILE A 211 -22.44 -9.21 18.01
CA ILE A 211 -22.13 -9.04 16.58
C ILE A 211 -20.69 -8.56 16.42
N THR A 212 -19.97 -9.20 15.48
CA THR A 212 -18.55 -8.93 15.28
C THR A 212 -18.22 -8.75 13.84
N PHE A 213 -19.26 -8.71 12.99
CA PHE A 213 -19.04 -8.61 11.54
C PHE A 213 -20.17 -7.81 10.86
N ALA A 214 -19.76 -7.04 9.84
CA ALA A 214 -20.69 -6.31 8.98
C ALA A 214 -20.62 -6.94 7.61
N THR A 215 -21.73 -7.16 6.95
CA THR A 215 -21.58 -7.69 5.60
C THR A 215 -21.79 -6.64 4.56
N HIS A 216 -20.91 -6.70 3.56
CA HIS A 216 -20.73 -5.67 2.52
C HIS A 216 -21.01 -4.23 2.96
N LEU A 217 -20.05 -3.69 3.70
CA LEU A 217 -20.02 -2.30 4.13
C LEU A 217 -20.46 -1.37 3.02
N PHE A 218 -21.46 -0.56 3.31
CA PHE A 218 -21.98 0.46 2.40
C PHE A 218 -23.08 -0.10 1.54
N ASN A 219 -23.28 -1.42 1.60
CA ASN A 219 -24.34 -2.02 0.84
C ASN A 219 -25.48 -2.43 1.78
N ALA A 220 -26.68 -1.86 1.55
CA ALA A 220 -27.87 -2.11 2.34
C ALA A 220 -27.61 -1.92 3.85
N MET A 221 -27.29 -0.67 4.19
CA MET A 221 -27.02 -0.20 5.56
C MET A 221 -27.41 1.28 5.72
N THR A 222 -27.68 1.67 6.94
CA THR A 222 -27.77 3.07 7.27
C THR A 222 -26.41 3.75 7.04
N PRO A 223 -26.38 4.69 6.07
CA PRO A 223 -25.21 5.50 5.86
C PRO A 223 -24.99 6.46 7.02
N MET A 224 -23.71 6.81 7.20
CA MET A 224 -23.31 7.79 8.20
C MET A 224 -23.69 9.22 7.81
N VAL A 225 -24.59 9.85 8.57
CA VAL A 225 -24.92 11.26 8.36
C VAL A 225 -24.68 12.14 9.60
N GLY A 226 -24.62 13.46 9.36
CA GLY A 226 -24.35 14.46 10.40
C GLY A 226 -24.89 14.10 11.79
N ARG A 227 -26.21 14.07 11.91
CA ARG A 227 -26.88 13.72 13.15
C ARG A 227 -27.13 12.19 13.35
N GLU A 228 -26.65 11.35 12.45
CA GLU A 228 -26.89 9.95 12.60
C GLU A 228 -25.75 9.12 12.00
N PRO A 229 -24.79 8.71 12.84
CA PRO A 229 -23.70 7.90 12.33
C PRO A 229 -24.19 6.63 11.59
N GLY A 230 -25.38 6.14 11.91
CA GLY A 230 -25.91 4.98 11.24
C GLY A 230 -25.04 3.78 11.47
N VAL A 231 -25.21 2.78 10.60
CA VAL A 231 -24.41 1.54 10.69
C VAL A 231 -22.92 1.73 10.27
N VAL A 232 -22.69 2.47 9.18
CA VAL A 232 -21.31 2.68 8.78
C VAL A 232 -20.58 3.49 9.86
N GLY A 233 -21.27 4.46 10.44
CA GLY A 233 -20.74 5.10 11.63
C GLY A 233 -20.43 4.11 12.75
N ALA A 234 -21.44 3.36 13.17
CA ALA A 234 -21.28 2.39 14.24
C ALA A 234 -20.08 1.51 13.98
N ILE A 235 -19.90 1.12 12.72
CA ILE A 235 -18.82 0.19 12.42
C ILE A 235 -17.46 0.85 12.59
N TYR A 236 -17.33 2.06 12.03
CA TYR A 236 -16.13 2.87 12.19
C TYR A 236 -15.77 3.08 13.66
N ASP A 237 -16.79 3.27 14.49
CA ASP A 237 -16.60 3.59 15.89
C ASP A 237 -16.30 2.34 16.73
N THR A 238 -16.37 1.16 16.14
CA THR A 238 -16.14 -0.06 16.93
C THR A 238 -14.96 -0.92 16.50
N PRO A 239 -13.91 -0.97 17.34
CA PRO A 239 -12.64 -1.61 16.99
C PRO A 239 -12.74 -3.07 16.73
N GLU A 240 -13.64 -3.77 17.42
CA GLU A 240 -13.71 -5.23 17.30
C GLU A 240 -14.54 -5.81 16.12
N VAL A 241 -15.31 -4.99 15.42
CA VAL A 241 -16.14 -5.54 14.36
C VAL A 241 -15.43 -5.55 12.99
N TYR A 242 -15.45 -6.67 12.29
CA TYR A 242 -14.84 -6.77 10.96
C TYR A 242 -15.85 -6.26 9.97
N ALA A 243 -15.37 -5.66 8.90
CA ALA A 243 -16.25 -5.33 7.77
C ALA A 243 -15.81 -5.93 6.40
N GLY A 244 -16.71 -6.72 5.80
CA GLY A 244 -16.47 -7.20 4.44
C GLY A 244 -16.71 -6.04 3.49
N ILE A 245 -15.98 -6.03 2.38
CA ILE A 245 -16.13 -5.01 1.36
C ILE A 245 -15.93 -5.59 -0.07
N ILE A 246 -16.88 -5.30 -0.97
CA ILE A 246 -16.75 -5.70 -2.37
C ILE A 246 -15.91 -4.65 -3.13
N ALA A 247 -14.72 -5.05 -3.60
CA ALA A 247 -13.83 -4.12 -4.31
C ALA A 247 -13.84 -4.42 -5.78
N ASP A 248 -14.94 -4.10 -6.44
CA ASP A 248 -15.04 -4.40 -7.85
C ASP A 248 -15.26 -3.11 -8.65
N GLY A 249 -15.16 -1.96 -7.97
CA GLY A 249 -15.26 -0.66 -8.61
C GLY A 249 -16.68 -0.27 -8.84
N PHE A 250 -17.60 -1.22 -8.65
CA PHE A 250 -19.06 -1.04 -8.87
C PHE A 250 -19.90 -0.93 -7.59
N HIS A 251 -19.68 -1.82 -6.63
CA HIS A 251 -20.48 -1.81 -5.41
C HIS A 251 -20.24 -0.62 -4.50
N VAL A 252 -19.00 -0.43 -4.08
CA VAL A 252 -18.58 0.81 -3.46
C VAL A 252 -17.45 1.49 -4.25
N ASP A 253 -17.45 2.83 -4.21
CA ASP A 253 -16.42 3.66 -4.78
C ASP A 253 -15.09 3.39 -4.09
N TYR A 254 -14.06 3.24 -4.90
CA TYR A 254 -12.71 3.03 -4.42
C TYR A 254 -12.30 3.96 -3.32
N ALA A 255 -12.57 5.27 -3.42
CA ALA A 255 -12.10 6.18 -2.36
C ALA A 255 -12.65 5.69 -1.02
N ASN A 256 -13.94 5.32 -1.01
CA ASN A 256 -14.57 4.83 0.20
C ASN A 256 -13.84 3.64 0.78
N ILE A 257 -13.28 2.79 -0.08
CA ILE A 257 -12.50 1.66 0.42
C ILE A 257 -11.21 2.05 1.15
N ARG A 258 -10.48 3.07 0.65
CA ARG A 258 -9.23 3.43 1.32
C ARG A 258 -9.47 4.24 2.58
N ILE A 259 -10.54 5.02 2.57
CA ILE A 259 -10.98 5.65 3.79
C ILE A 259 -11.34 4.57 4.82
N ALA A 260 -12.09 3.55 4.35
CA ALA A 260 -12.52 2.45 5.22
C ALA A 260 -11.28 1.74 5.79
N HIS A 261 -10.28 1.53 4.92
CA HIS A 261 -9.10 0.82 5.32
C HIS A 261 -8.24 1.58 6.32
N LYS A 262 -8.20 2.92 6.19
CA LYS A 262 -7.48 3.71 7.18
C LYS A 262 -8.17 3.60 8.49
N ILE A 263 -9.51 3.56 8.50
CA ILE A 263 -10.22 3.53 9.76
C ILE A 263 -10.13 2.13 10.35
N LYS A 264 -10.38 1.12 9.53
CA LYS A 264 -10.62 -0.19 10.09
C LYS A 264 -9.41 -1.11 10.08
N GLY A 265 -8.38 -0.73 9.33
CA GLY A 265 -7.16 -1.54 9.22
C GLY A 265 -7.40 -3.02 9.09
N GLU A 266 -6.87 -3.80 10.02
CA GLU A 266 -6.94 -5.25 9.86
C GLU A 266 -8.35 -5.85 10.04
N LYS A 267 -9.31 -5.00 10.36
CA LYS A 267 -10.69 -5.47 10.40
C LYS A 267 -11.44 -5.35 9.06
N LEU A 268 -10.83 -4.74 8.03
CA LEU A 268 -11.41 -4.72 6.67
C LEU A 268 -11.15 -6.04 5.91
N VAL A 269 -12.19 -6.67 5.41
CA VAL A 269 -12.05 -7.98 4.73
C VAL A 269 -12.52 -7.86 3.27
N LEU A 270 -11.77 -8.45 2.33
CA LEU A 270 -12.20 -8.45 0.93
C LEU A 270 -13.16 -9.60 0.72
N VAL A 271 -14.23 -9.34 -0.02
CA VAL A 271 -15.34 -10.27 -0.14
C VAL A 271 -15.81 -10.21 -1.60
N THR A 272 -16.25 -11.32 -2.19
CA THR A 272 -16.76 -11.19 -3.55
C THR A 272 -18.28 -10.96 -3.59
N ASP A 273 -19.03 -11.60 -2.70
CA ASP A 273 -20.49 -11.63 -2.82
C ASP A 273 -20.81 -12.10 -4.25
N ALA A 274 -19.88 -12.85 -4.82
CA ALA A 274 -19.93 -13.27 -6.20
C ALA A 274 -21.13 -14.13 -6.57
N THR A 275 -21.39 -14.15 -7.87
CA THR A 275 -22.59 -14.73 -8.43
C THR A 275 -22.21 -15.52 -9.68
N ALA A 276 -22.98 -16.57 -9.98
CA ALA A 276 -22.83 -17.46 -11.17
C ALA A 276 -21.76 -17.10 -12.23
N PRO A 277 -21.88 -15.92 -12.93
CA PRO A 277 -20.86 -15.45 -13.86
C PRO A 277 -19.43 -15.59 -13.42
N ALA A 278 -19.12 -15.19 -12.20
CA ALA A 278 -17.73 -15.19 -11.77
C ALA A 278 -17.10 -16.55 -12.02
N GLY A 279 -15.98 -16.57 -12.73
CA GLY A 279 -15.23 -17.80 -12.99
C GLY A 279 -15.79 -18.56 -14.19
N ALA A 280 -16.85 -18.02 -14.78
CA ALA A 280 -17.54 -18.61 -15.89
C ALA A 280 -17.64 -17.60 -17.03
N GLU A 281 -18.29 -18.05 -18.11
CA GLU A 281 -18.69 -17.17 -19.19
C GLU A 281 -20.18 -17.31 -19.28
N MET A 282 -20.90 -16.21 -19.29
CA MET A 282 -22.35 -16.30 -19.31
C MET A 282 -22.97 -15.19 -20.11
N ASP A 283 -24.25 -15.37 -20.46
CA ASP A 283 -25.08 -14.27 -20.98
C ASP A 283 -25.92 -13.62 -19.88
N TYR A 284 -26.55 -14.45 -19.03
CA TYR A 284 -27.31 -13.96 -17.87
C TYR A 284 -27.64 -15.06 -16.85
N PHE A 285 -28.49 -14.77 -15.86
CA PHE A 285 -28.89 -15.78 -14.87
C PHE A 285 -30.05 -15.32 -13.97
N ILE A 286 -30.51 -16.25 -13.12
CA ILE A 286 -31.62 -15.99 -12.16
C ILE A 286 -31.19 -15.76 -10.69
N PHE A 287 -31.22 -14.50 -10.26
CA PHE A 287 -31.01 -14.18 -8.85
C PHE A 287 -32.39 -14.13 -8.19
N VAL A 288 -32.68 -15.19 -7.44
CA VAL A 288 -34.04 -15.55 -6.97
C VAL A 288 -35.13 -14.71 -7.67
N GLY A 289 -35.55 -15.19 -8.84
CA GLY A 289 -36.50 -14.47 -9.66
C GLY A 289 -35.92 -13.83 -10.90
N LYS A 290 -35.14 -12.75 -10.73
CA LYS A 290 -34.86 -11.80 -11.84
C LYS A 290 -33.70 -12.11 -12.81
N LYS A 291 -33.84 -11.67 -14.05
CA LYS A 291 -32.81 -11.87 -15.08
C LYS A 291 -31.66 -10.86 -14.98
N VAL A 292 -30.49 -11.37 -14.63
CA VAL A 292 -29.30 -10.55 -14.45
C VAL A 292 -28.31 -10.78 -15.60
N TYR A 293 -28.26 -9.83 -16.54
CA TYR A 293 -27.36 -9.89 -17.69
C TYR A 293 -25.93 -9.62 -17.31
N TYR A 294 -25.03 -10.42 -17.85
CA TYR A 294 -23.62 -10.18 -17.72
C TYR A 294 -23.12 -9.31 -18.87
N ARG A 295 -22.86 -8.03 -18.57
CA ARG A 295 -22.40 -7.11 -19.61
C ARG A 295 -21.00 -6.53 -19.37
N ASP A 296 -20.03 -7.26 -19.90
CA ASP A 296 -18.60 -6.91 -19.88
C ASP A 296 -18.08 -6.46 -18.51
N GLY A 297 -18.27 -7.34 -17.52
CA GLY A 297 -17.69 -7.14 -16.20
C GLY A 297 -18.70 -6.91 -15.11
N LYS A 298 -19.78 -6.19 -15.43
CA LYS A 298 -20.79 -5.80 -14.45
C LYS A 298 -21.99 -6.74 -14.53
N CYS A 299 -22.71 -6.88 -13.42
CA CYS A 299 -24.03 -7.52 -13.40
C CYS A 299 -25.08 -6.45 -13.42
N VAL A 300 -26.11 -6.63 -14.24
CA VAL A 300 -27.08 -5.56 -14.53
C VAL A 300 -28.48 -6.09 -14.89
N ASP A 301 -29.52 -5.68 -14.15
CA ASP A 301 -30.91 -5.92 -14.61
C ASP A 301 -31.17 -5.04 -15.84
N GLU A 302 -31.91 -5.58 -16.81
CA GLU A 302 -31.97 -5.04 -18.18
C GLU A 302 -31.82 -3.51 -18.36
N ASN A 303 -32.14 -2.73 -17.33
CA ASN A 303 -31.96 -1.27 -17.35
C ASN A 303 -30.48 -0.88 -17.39
N GLY A 304 -29.64 -1.75 -16.84
CA GLY A 304 -28.23 -1.43 -16.64
C GLY A 304 -27.94 -1.17 -15.18
N THR A 305 -28.98 -1.20 -14.34
CA THR A 305 -28.86 -1.13 -12.87
C THR A 305 -28.06 -2.32 -12.33
N LEU A 306 -27.00 -2.04 -11.57
CA LEU A 306 -26.23 -3.13 -10.97
C LEU A 306 -27.17 -4.26 -10.42
N GLY A 307 -26.88 -5.51 -10.79
CA GLY A 307 -27.73 -6.62 -10.40
C GLY A 307 -27.12 -7.41 -9.26
N GLY A 308 -25.82 -7.64 -9.35
CA GLY A 308 -25.05 -8.42 -8.35
C GLY A 308 -23.55 -8.28 -8.53
N SER A 309 -22.79 -9.29 -8.07
CA SER A 309 -21.34 -9.28 -8.22
C SER A 309 -20.78 -10.46 -8.96
N ALA A 310 -19.81 -10.17 -9.82
CA ALA A 310 -19.04 -11.18 -10.55
C ALA A 310 -17.58 -11.13 -10.14
N LEU A 311 -17.31 -10.58 -8.96
CA LEU A 311 -15.93 -10.37 -8.58
C LEU A 311 -15.27 -11.69 -8.29
N THR A 312 -13.98 -11.70 -8.52
CA THR A 312 -13.18 -12.87 -8.24
C THR A 312 -12.22 -12.45 -7.14
N MET A 313 -11.72 -13.40 -6.40
CA MET A 313 -10.87 -13.00 -5.28
C MET A 313 -9.59 -12.29 -5.71
N ILE A 314 -8.94 -12.82 -6.73
CA ILE A 314 -7.69 -12.25 -7.25
C ILE A 314 -7.84 -10.85 -7.83
N GLU A 315 -8.94 -10.65 -8.55
CA GLU A 315 -9.38 -9.31 -8.97
C GLU A 315 -9.54 -8.39 -7.77
N ALA A 316 -10.14 -8.88 -6.67
CA ALA A 316 -10.32 -8.01 -5.48
C ALA A 316 -8.99 -7.51 -4.97
N VAL A 317 -8.08 -8.43 -4.65
CA VAL A 317 -6.69 -8.07 -4.34
C VAL A 317 -6.04 -7.08 -5.34
N GLN A 318 -6.14 -7.39 -6.63
CA GLN A 318 -5.57 -6.54 -7.66
C GLN A 318 -6.05 -5.08 -7.58
N ASN A 319 -7.37 -4.91 -7.65
CA ASN A 319 -8.04 -3.63 -7.51
C ASN A 319 -7.71 -2.88 -6.24
N THR A 320 -7.54 -3.62 -5.15
CA THR A 320 -7.22 -3.00 -3.91
C THR A 320 -5.84 -2.37 -4.06
N VAL A 321 -4.93 -3.13 -4.66
CA VAL A 321 -3.56 -2.70 -4.85
C VAL A 321 -3.55 -1.59 -5.89
N GLU A 322 -4.16 -1.85 -7.04
CA GLU A 322 -4.11 -0.93 -8.18
C GLU A 322 -5.00 0.33 -8.16
N HIS A 323 -6.19 0.25 -7.56
CA HIS A 323 -7.08 1.41 -7.44
C HIS A 323 -7.21 2.01 -6.04
N VAL A 324 -7.11 1.16 -5.03
CA VAL A 324 -7.33 1.62 -3.67
C VAL A 324 -6.06 2.23 -3.08
N GLY A 325 -4.92 1.89 -3.67
CA GLY A 325 -3.63 2.35 -3.18
C GLY A 325 -3.02 1.64 -1.99
N ILE A 326 -3.57 0.48 -1.64
CA ILE A 326 -3.08 -0.33 -0.54
C ILE A 326 -1.95 -1.22 -1.02
N ALA A 327 -0.86 -1.29 -0.25
CA ALA A 327 0.28 -2.10 -0.61
C ALA A 327 -0.10 -3.58 -0.80
N LEU A 328 0.52 -4.23 -1.78
CA LEU A 328 0.24 -5.62 -2.10
C LEU A 328 0.20 -6.53 -0.86
N ASP A 329 1.23 -6.45 0.00
CA ASP A 329 1.29 -7.38 1.15
C ASP A 329 0.03 -7.30 2.05
N GLU A 330 -0.45 -6.07 2.20
CA GLU A 330 -1.54 -5.73 3.07
C GLU A 330 -2.82 -6.19 2.41
N ALA A 331 -2.84 -6.10 1.09
CA ALA A 331 -4.03 -6.40 0.30
C ALA A 331 -4.23 -7.90 0.32
N LEU A 332 -3.12 -8.62 0.17
CA LEU A 332 -3.08 -10.06 0.38
C LEU A 332 -3.71 -10.42 1.71
N ARG A 333 -3.29 -9.75 2.78
CA ARG A 333 -3.82 -10.01 4.08
C ARG A 333 -5.34 -9.84 4.16
N MET A 334 -5.87 -8.83 3.47
CA MET A 334 -7.33 -8.57 3.48
C MET A 334 -8.11 -9.65 2.75
N ALA A 335 -7.38 -10.54 2.09
CA ALA A 335 -7.95 -11.60 1.32
C ALA A 335 -7.70 -12.94 2.00
N THR A 336 -6.95 -12.94 3.11
CA THR A 336 -6.42 -14.18 3.71
C THR A 336 -6.41 -14.24 5.22
N LEU A 337 -5.49 -13.51 5.86
CA LEU A 337 -5.37 -13.47 7.35
C LEU A 337 -6.62 -12.85 7.98
N TYR A 338 -6.99 -11.69 7.51
CA TYR A 338 -8.15 -11.06 8.11
C TYR A 338 -9.44 -11.94 8.09
N PRO A 339 -9.84 -12.51 6.92
CA PRO A 339 -11.06 -13.31 7.02
C PRO A 339 -10.88 -14.52 7.93
N ALA A 340 -9.75 -15.21 7.85
CA ALA A 340 -9.41 -16.31 8.74
C ALA A 340 -9.63 -15.90 10.18
N LYS A 341 -8.91 -14.87 10.62
CA LYS A 341 -9.14 -14.33 11.94
C LYS A 341 -10.61 -14.20 12.18
N ALA A 342 -11.30 -13.48 11.31
CA ALA A 342 -12.72 -13.18 11.48
C ALA A 342 -13.56 -14.43 11.67
N ILE A 343 -13.26 -15.52 11.01
CA ILE A 343 -14.06 -16.70 11.31
C ILE A 343 -13.33 -17.71 12.18
N GLY A 344 -12.26 -17.27 12.81
CA GLY A 344 -11.58 -18.11 13.80
C GLY A 344 -10.99 -19.36 13.21
N VAL A 345 -10.50 -19.29 11.97
CA VAL A 345 -9.78 -20.43 11.39
C VAL A 345 -8.30 -20.13 11.24
N ASP A 346 -7.87 -19.06 11.87
CA ASP A 346 -6.58 -18.52 11.55
C ASP A 346 -5.40 -19.30 12.19
N GLU A 347 -5.73 -20.20 13.10
CA GLU A 347 -4.73 -21.12 13.65
C GLU A 347 -4.16 -22.07 12.61
N LYS A 348 -4.88 -22.26 11.50
CA LYS A 348 -4.55 -23.27 10.50
C LYS A 348 -4.52 -22.77 9.06
N LEU A 349 -5.19 -21.65 8.79
CA LEU A 349 -5.22 -21.06 7.44
C LEU A 349 -4.90 -19.59 7.53
N GLY A 350 -4.62 -18.94 6.40
CA GLY A 350 -4.39 -17.51 6.34
C GLY A 350 -2.94 -17.07 6.39
N ARG A 351 -2.07 -17.97 6.84
CA ARG A 351 -0.67 -17.65 7.03
C ARG A 351 0.20 -18.74 6.37
N ILE A 352 1.29 -18.37 5.73
CA ILE A 352 2.27 -19.39 5.35
C ILE A 352 3.30 -19.60 6.47
N LYS A 353 3.03 -20.56 7.36
CA LYS A 353 4.00 -20.95 8.38
C LYS A 353 3.90 -22.38 8.86
N LYS A 354 5.01 -22.92 9.38
CA LYS A 354 5.07 -24.33 9.70
C LYS A 354 3.96 -24.73 10.68
N GLY A 355 3.32 -25.86 10.38
CA GLY A 355 2.26 -26.42 11.23
C GLY A 355 0.91 -26.11 10.63
N MET A 356 0.87 -25.11 9.77
CA MET A 356 -0.38 -24.69 9.18
C MET A 356 -0.69 -25.46 7.89
N ILE A 357 -1.97 -25.44 7.54
CA ILE A 357 -2.45 -26.18 6.41
C ILE A 357 -1.95 -25.58 5.11
N ALA A 358 -1.43 -26.45 4.25
CA ALA A 358 -0.98 -26.05 2.91
C ALA A 358 -2.13 -25.66 1.95
N ASN A 359 -2.64 -24.44 2.12
CA ASN A 359 -3.60 -23.84 1.21
C ASN A 359 -3.02 -22.55 0.64
N LEU A 360 -2.32 -22.69 -0.47
CA LEU A 360 -1.52 -21.62 -1.02
C LEU A 360 -2.11 -21.29 -2.35
N THR A 361 -1.71 -20.12 -2.88
CA THR A 361 -2.08 -19.66 -4.21
C THR A 361 -0.83 -19.11 -4.92
N VAL A 362 -0.75 -19.26 -6.23
CA VAL A 362 0.40 -18.69 -6.94
C VAL A 362 -0.01 -17.84 -8.12
N PHE A 363 0.50 -16.61 -8.16
CA PHE A 363 0.09 -15.68 -9.19
C PHE A 363 1.22 -14.81 -9.67
N ASP A 364 1.15 -14.40 -10.94
CA ASP A 364 2.16 -13.55 -11.53
C ASP A 364 1.95 -12.06 -11.25
N ARG A 365 2.93 -11.26 -11.61
CA ARG A 365 2.87 -9.83 -11.46
C ARG A 365 1.69 -9.18 -12.20
N ASP A 366 1.04 -9.91 -13.09
CA ASP A 366 -0.09 -9.34 -13.77
C ASP A 366 -1.41 -9.71 -13.12
N PHE A 367 -1.32 -10.40 -11.98
CA PHE A 367 -2.48 -10.87 -11.24
C PHE A 367 -3.24 -11.95 -11.99
N ASN A 368 -2.45 -12.79 -12.67
CA ASN A 368 -2.88 -14.10 -13.16
C ASN A 368 -2.56 -15.21 -12.17
N VAL A 369 -3.60 -15.90 -11.72
CA VAL A 369 -3.41 -17.07 -10.89
C VAL A 369 -2.91 -18.18 -11.76
N LYS A 370 -1.80 -18.75 -11.33
CA LYS A 370 -1.09 -19.68 -12.11
C LYS A 370 -1.41 -21.11 -11.63
N ALA A 371 -1.29 -21.31 -10.31
CA ALA A 371 -1.63 -22.59 -9.70
C ALA A 371 -2.23 -22.41 -8.32
N THR A 372 -2.49 -23.54 -7.66
CA THR A 372 -3.23 -23.62 -6.40
C THR A 372 -2.78 -24.90 -5.64
N VAL A 373 -2.37 -24.74 -4.38
CA VAL A 373 -2.20 -25.95 -3.56
C VAL A 373 -3.21 -26.02 -2.42
N VAL A 374 -3.98 -27.10 -2.38
CA VAL A 374 -5.05 -27.25 -1.40
C VAL A 374 -4.82 -28.54 -0.65
N ASN A 375 -4.69 -28.41 0.67
CA ASN A 375 -4.33 -29.53 1.54
C ASN A 375 -3.03 -30.19 1.07
N GLY A 376 -2.13 -29.44 0.46
CA GLY A 376 -0.93 -30.05 -0.08
C GLY A 376 -1.02 -30.42 -1.54
N GLN A 377 -2.24 -30.47 -2.08
CA GLN A 377 -2.42 -30.79 -3.47
C GLN A 377 -2.12 -29.63 -4.38
N TYR A 378 -1.24 -29.88 -5.32
CA TYR A 378 -0.89 -28.89 -6.33
C TYR A 378 -1.78 -29.04 -7.58
N GLU A 379 -2.15 -27.91 -8.20
CA GLU A 379 -3.02 -27.90 -9.39
C GLU A 379 -2.96 -26.55 -10.13
N GLN A 380 -3.11 -26.55 -11.46
CA GLN A 380 -2.92 -25.34 -12.25
C GLN A 380 -4.19 -24.72 -12.87
N ASN B 2 4.59 29.49 -29.06
CA ASN B 2 5.13 28.13 -28.70
C ASN B 2 4.04 27.01 -28.45
N ALA B 3 4.14 25.84 -29.10
CA ALA B 3 3.06 24.82 -28.98
C ALA B 3 3.08 24.00 -27.69
N MET B 4 1.90 23.66 -27.21
CA MET B 4 1.72 22.68 -26.13
C MET B 4 1.84 21.28 -26.71
N TYR B 5 2.43 20.34 -25.98
CA TYR B 5 2.34 18.91 -26.33
C TYR B 5 1.74 18.09 -25.18
N ALA B 6 1.58 16.79 -25.35
CA ALA B 6 1.02 15.92 -24.31
C ALA B 6 1.84 14.67 -24.10
N LEU B 7 1.97 14.27 -22.85
CA LEU B 7 2.50 12.96 -22.57
C LEU B 7 1.31 12.05 -22.43
N THR B 8 1.37 10.92 -23.12
CA THR B 8 0.23 10.02 -23.16
C THR B 8 0.58 8.54 -23.14
N ASN B 9 -0.39 7.71 -22.77
CA ASN B 9 -0.19 6.28 -22.61
C ASN B 9 0.72 5.96 -21.44
N CYS B 10 0.18 6.04 -20.21
CA CYS B 10 0.92 5.74 -18.97
C CYS B 10 -0.01 5.77 -17.78
N LYS B 11 0.42 5.15 -16.67
CA LYS B 11 -0.19 5.34 -15.36
C LYS B 11 0.41 6.65 -14.93
N ILE B 12 -0.46 7.59 -14.55
CA ILE B 12 -0.03 8.88 -14.05
C ILE B 12 -0.22 8.91 -12.53
N TYR B 13 0.90 9.01 -11.82
CA TYR B 13 0.93 9.31 -10.41
C TYR B 13 1.02 10.84 -10.19
N THR B 14 -0.12 11.53 -10.21
CA THR B 14 -0.16 12.99 -10.05
C THR B 14 0.20 13.33 -8.65
N GLY B 15 0.11 12.36 -7.73
CA GLY B 15 0.37 12.63 -6.32
C GLY B 15 -0.91 12.76 -5.47
N ASN B 16 -2.04 13.08 -6.11
CA ASN B 16 -3.35 13.01 -5.48
C ASN B 16 -4.09 11.81 -5.95
N ASP B 17 -3.96 11.47 -7.22
CA ASP B 17 -4.69 10.36 -7.77
C ASP B 17 -3.74 9.56 -8.61
N VAL B 18 -4.05 8.28 -8.88
CA VAL B 18 -3.29 7.56 -9.91
C VAL B 18 -4.23 7.32 -11.08
N LEU B 19 -3.87 7.86 -12.26
CA LEU B 19 -4.78 7.91 -13.37
C LEU B 19 -4.39 7.03 -14.55
N VAL B 20 -5.44 6.52 -15.20
CA VAL B 20 -5.29 5.55 -16.26
C VAL B 20 -5.98 6.10 -17.48
N LYS B 21 -5.38 5.92 -18.66
CA LYS B 21 -6.03 6.39 -19.90
C LYS B 21 -6.37 7.91 -19.75
N HIS B 22 -5.36 8.62 -19.27
CA HIS B 22 -5.30 10.07 -19.16
C HIS B 22 -4.02 10.55 -19.81
N ALA B 23 -3.90 11.85 -20.01
CA ALA B 23 -2.68 12.38 -20.56
C ALA B 23 -2.30 13.59 -19.73
N VAL B 24 -1.06 14.04 -19.82
CA VAL B 24 -0.81 15.35 -19.25
C VAL B 24 -0.28 16.27 -20.30
N ILE B 25 -0.91 17.41 -20.44
CA ILE B 25 -0.51 18.32 -21.46
C ILE B 25 0.38 19.38 -20.88
N ILE B 26 1.51 19.58 -21.54
CA ILE B 26 2.52 20.51 -21.09
C ILE B 26 2.57 21.73 -22.00
N ASN B 27 2.63 22.91 -21.39
CA ASN B 27 2.71 24.17 -22.14
C ASN B 27 3.72 25.17 -21.56
N GLY B 28 4.82 25.36 -22.27
CA GLY B 28 5.93 26.12 -21.74
C GLY B 28 6.73 25.20 -20.83
N ASP B 29 7.01 25.70 -19.64
CA ASP B 29 7.68 24.95 -18.61
C ASP B 29 6.67 24.53 -17.54
N LYS B 30 5.39 24.61 -17.90
CA LYS B 30 4.31 24.34 -16.95
C LYS B 30 3.38 23.22 -17.43
N ILE B 31 2.83 22.47 -16.47
CA ILE B 31 1.69 21.60 -16.73
C ILE B 31 0.46 22.46 -17.06
N GLU B 32 -0.24 22.15 -18.12
CA GLU B 32 -1.44 22.89 -18.44
C GLU B 32 -2.65 22.17 -17.98
N ALA B 33 -2.67 20.85 -18.17
CA ALA B 33 -3.78 20.05 -17.73
C ALA B 33 -3.33 18.65 -17.58
N VAL B 34 -4.14 17.90 -16.83
CA VAL B 34 -4.02 16.47 -16.76
C VAL B 34 -5.43 16.02 -17.05
N CYS B 35 -5.66 15.48 -18.22
CA CYS B 35 -7.02 15.11 -18.57
C CYS B 35 -7.13 13.77 -19.31
N PRO B 36 -8.37 13.22 -19.39
CA PRO B 36 -8.51 11.93 -20.07
C PRO B 36 -8.10 12.04 -21.53
N ILE B 37 -7.27 11.09 -21.99
CA ILE B 37 -6.86 10.95 -23.41
C ILE B 37 -7.87 11.42 -24.47
N GLU B 38 -9.16 11.18 -24.26
CA GLU B 38 -10.15 11.54 -25.28
C GLU B 38 -10.43 13.03 -25.40
N SER B 39 -9.66 13.85 -24.70
CA SER B 39 -9.90 15.28 -24.64
C SER B 39 -8.80 16.08 -25.31
N LEU B 40 -7.69 15.42 -25.66
CA LEU B 40 -6.59 16.13 -26.28
C LEU B 40 -7.07 16.71 -27.61
N PRO B 41 -6.84 18.01 -27.85
CA PRO B 41 -7.08 18.56 -29.17
C PRO B 41 -6.63 17.63 -30.32
N SER B 42 -7.47 17.59 -31.36
CA SER B 42 -7.27 16.75 -32.58
C SER B 42 -5.81 16.69 -33.06
N GLU B 43 -5.13 17.85 -33.06
CA GLU B 43 -3.82 17.98 -33.75
C GLU B 43 -2.64 18.36 -32.86
N MET B 44 -2.61 17.76 -31.67
CA MET B 44 -1.65 18.10 -30.64
C MET B 44 -0.63 16.98 -30.48
N ASN B 45 0.64 17.27 -30.74
CA ASN B 45 1.65 16.21 -30.71
C ASN B 45 1.74 15.57 -29.37
N VAL B 46 1.80 14.26 -29.37
CA VAL B 46 1.86 13.55 -28.13
C VAL B 46 3.08 12.62 -28.06
N VAL B 47 3.58 12.44 -26.83
CA VAL B 47 4.64 11.49 -26.59
C VAL B 47 4.02 10.28 -25.94
N ASP B 48 4.08 9.18 -26.69
CA ASP B 48 3.53 7.90 -26.27
C ASP B 48 4.60 7.20 -25.40
N LEU B 49 4.32 7.12 -24.10
CA LEU B 49 5.27 6.60 -23.14
C LEU B 49 5.10 5.12 -23.00
N ASN B 50 4.17 4.60 -23.81
CA ASN B 50 4.04 3.17 -23.97
C ASN B 50 3.68 2.47 -22.68
N GLY B 51 2.68 3.01 -21.99
CA GLY B 51 2.19 2.47 -20.73
C GLY B 51 3.12 2.53 -19.56
N ALA B 52 4.13 3.38 -19.59
CA ALA B 52 5.06 3.41 -18.49
C ALA B 52 4.50 4.29 -17.38
N ASN B 53 5.13 4.36 -16.22
CA ASN B 53 4.62 5.25 -15.17
C ASN B 53 5.17 6.64 -15.31
N LEU B 54 4.32 7.59 -14.94
CA LEU B 54 4.68 9.02 -14.94
C LEU B 54 4.45 9.70 -13.58
N SER B 55 5.51 10.31 -13.05
CA SER B 55 5.40 10.98 -11.77
C SER B 55 6.05 12.35 -11.84
N PRO B 56 5.81 13.19 -10.82
CA PRO B 56 6.71 14.32 -10.75
C PRO B 56 8.13 13.80 -10.62
N GLY B 57 9.10 14.56 -11.09
CA GLY B 57 10.51 14.20 -10.98
C GLY B 57 10.95 14.21 -9.54
N PHE B 58 11.89 13.35 -9.20
CA PHE B 58 12.23 13.21 -7.81
C PHE B 58 13.08 14.37 -7.38
N ILE B 59 13.00 14.65 -6.07
CA ILE B 59 13.63 15.80 -5.43
C ILE B 59 14.46 15.28 -4.27
N ASP B 60 15.77 15.38 -4.38
CA ASP B 60 16.63 14.72 -3.40
C ASP B 60 17.39 15.78 -2.63
N LEU B 61 17.03 15.96 -1.36
CA LEU B 61 17.54 17.07 -0.56
C LEU B 61 18.85 16.79 0.17
N GLN B 62 19.46 15.64 -0.08
CA GLN B 62 20.81 15.39 0.44
C GLN B 62 21.56 14.61 -0.61
N LEU B 63 22.61 15.22 -1.12
CA LEU B 63 23.38 14.68 -2.22
C LEU B 63 24.74 15.32 -2.14
N ASN B 64 25.76 14.50 -1.93
CA ASN B 64 27.12 15.02 -1.92
C ASN B 64 27.76 14.94 -3.28
N GLY B 65 27.56 13.80 -3.94
CA GLY B 65 28.12 13.58 -5.25
C GLY B 65 27.34 12.56 -6.04
N CYS B 66 27.72 12.38 -7.31
CA CYS B 66 27.25 11.31 -8.18
C CYS B 66 27.97 11.52 -9.49
N GLY B 67 27.64 10.70 -10.49
CA GLY B 67 28.28 10.74 -11.78
C GLY B 67 29.78 10.84 -11.73
N GLY B 68 30.41 10.16 -10.78
CA GLY B 68 31.86 10.24 -10.67
C GLY B 68 32.42 11.40 -9.87
N VAL B 69 31.64 12.48 -9.68
CA VAL B 69 32.15 13.67 -8.96
C VAL B 69 31.62 13.88 -7.54
N MET B 70 32.27 14.82 -6.84
CA MET B 70 32.04 15.11 -5.45
C MET B 70 32.04 16.62 -5.29
N PHE B 71 30.91 17.18 -4.85
CA PHE B 71 30.79 18.62 -4.70
C PHE B 71 31.90 19.23 -3.80
N ASN B 72 32.30 18.49 -2.77
CA ASN B 72 33.36 18.92 -1.87
C ASN B 72 34.72 19.19 -2.49
N ASP B 73 35.14 18.39 -3.44
CA ASP B 73 36.47 18.57 -4.04
C ASP B 73 36.38 19.61 -5.11
N GLU B 74 35.41 19.45 -5.99
CA GLU B 74 35.25 20.44 -7.05
C GLU B 74 34.08 21.39 -6.76
N ILE B 75 34.35 22.42 -5.96
CA ILE B 75 33.28 23.31 -5.53
C ILE B 75 33.03 24.34 -6.61
N THR B 76 32.55 23.85 -7.74
CA THR B 76 32.35 24.64 -8.94
C THR B 76 30.88 24.57 -9.40
N ALA B 77 30.44 25.51 -10.24
CA ALA B 77 29.09 25.43 -10.84
C ALA B 77 28.96 24.24 -11.79
N GLU B 78 30.06 23.87 -12.45
CA GLU B 78 30.00 22.72 -13.32
C GLU B 78 29.79 21.44 -12.54
N THR B 79 30.41 21.29 -11.37
CA THR B 79 30.18 20.06 -10.58
C THR B 79 28.70 19.87 -10.34
N ILE B 80 28.06 20.94 -9.86
CA ILE B 80 26.60 21.01 -9.79
C ILE B 80 25.95 20.58 -11.10
N ASP B 81 26.42 21.10 -12.23
CA ASP B 81 25.85 20.69 -13.52
C ASP B 81 26.06 19.21 -13.80
N THR B 82 27.26 18.71 -13.49
CA THR B 82 27.55 17.32 -13.71
C THR B 82 26.58 16.43 -12.93
N MET B 83 26.44 16.74 -11.64
CA MET B 83 25.56 15.91 -10.88
C MET B 83 24.10 16.05 -11.33
N HIS B 84 23.59 17.26 -11.55
CA HIS B 84 22.23 17.35 -12.08
C HIS B 84 22.04 16.36 -13.24
N LYS B 85 22.98 16.37 -14.17
CA LYS B 85 22.92 15.53 -15.35
C LYS B 85 23.01 14.09 -14.94
N ALA B 86 23.89 13.75 -14.01
CA ALA B 86 23.88 12.38 -13.45
C ALA B 86 22.49 12.00 -12.92
N ASN B 87 21.88 12.90 -12.14
CA ASN B 87 20.56 12.64 -11.56
C ASN B 87 19.46 12.21 -12.52
N LEU B 88 19.47 12.76 -13.74
CA LEU B 88 18.32 12.55 -14.63
C LEU B 88 18.19 11.09 -15.03
N LYS B 89 19.30 10.35 -14.90
CA LYS B 89 19.33 8.90 -15.14
C LYS B 89 18.60 8.05 -14.10
N SER B 90 18.46 8.58 -12.87
CA SER B 90 17.70 7.98 -11.75
C SER B 90 16.34 8.64 -11.50
N GLY B 91 15.96 9.60 -12.34
CA GLY B 91 14.63 10.24 -12.26
C GLY B 91 14.60 11.53 -11.45
N CYS B 92 15.79 11.98 -11.04
CA CYS B 92 15.91 13.09 -10.15
C CYS B 92 16.09 14.43 -10.85
N THR B 93 15.07 15.28 -10.79
CA THR B 93 15.06 16.50 -11.57
C THR B 93 15.33 17.74 -10.73
N SER B 94 15.33 17.57 -9.42
CA SER B 94 15.75 18.64 -8.49
C SER B 94 16.53 18.12 -7.30
N PHE B 95 17.48 18.92 -6.85
CA PHE B 95 18.26 18.55 -5.68
C PHE B 95 18.85 19.77 -4.93
N LEU B 96 19.31 19.49 -3.72
CA LEU B 96 20.14 20.41 -2.94
C LEU B 96 21.60 19.98 -2.96
N PRO B 97 22.44 20.65 -3.77
CA PRO B 97 23.86 20.34 -3.74
C PRO B 97 24.35 20.50 -2.31
N THR B 98 24.88 19.44 -1.72
CA THR B 98 25.21 19.51 -0.32
C THR B 98 26.71 19.46 0.01
N LEU B 99 27.14 20.36 0.88
CA LEU B 99 28.56 20.54 1.23
C LEU B 99 28.87 20.34 2.70
N ILE B 100 29.84 19.46 3.02
CA ILE B 100 30.34 19.43 4.40
C ILE B 100 31.45 20.44 4.60
N THR B 101 31.01 21.64 5.00
CA THR B 101 31.87 22.78 5.37
C THR B 101 33.11 22.45 6.19
N SER B 102 34.27 22.87 5.73
CA SER B 102 35.39 22.95 6.63
C SER B 102 35.68 24.42 6.79
N SER B 103 36.28 25.00 5.75
CA SER B 103 36.66 26.40 5.72
C SER B 103 35.55 27.30 5.19
N ASP B 104 35.78 28.59 5.34
CA ASP B 104 34.78 29.59 5.01
C ASP B 104 35.05 30.05 3.59
N GLU B 105 36.31 29.90 3.21
CA GLU B 105 36.76 29.97 1.83
C GLU B 105 35.98 28.92 1.04
N ASN B 106 35.96 27.69 1.55
CA ASN B 106 35.21 26.62 0.93
C ASN B 106 33.74 26.99 0.85
N MET B 107 33.20 27.40 1.98
CA MET B 107 31.79 27.70 2.07
C MET B 107 31.36 28.87 1.20
N ARG B 108 32.23 29.87 1.11
CA ARG B 108 32.00 30.98 0.21
C ARG B 108 32.00 30.55 -1.26
N GLN B 109 32.87 29.61 -1.64
CA GLN B 109 32.82 29.04 -2.99
C GLN B 109 31.53 28.32 -3.28
N ALA B 110 31.06 27.54 -2.32
CA ALA B 110 29.82 26.83 -2.51
C ALA B 110 28.74 27.86 -2.85
N ILE B 111 28.71 28.95 -2.07
CA ILE B 111 27.79 30.06 -2.32
C ILE B 111 27.92 30.57 -3.75
N ALA B 112 29.14 30.85 -4.17
CA ALA B 112 29.38 31.27 -5.54
C ALA B 112 28.82 30.27 -6.58
N ALA B 113 29.31 29.03 -6.51
CA ALA B 113 28.88 27.97 -7.43
C ALA B 113 27.35 27.84 -7.54
N ALA B 114 26.66 27.88 -6.40
CA ALA B 114 25.22 27.78 -6.41
C ALA B 114 24.59 28.99 -7.11
N ARG B 115 24.94 30.20 -6.65
CA ARG B 115 24.48 31.47 -7.27
C ARG B 115 24.69 31.43 -8.78
N GLU B 116 25.88 31.02 -9.18
CA GLU B 116 26.23 30.96 -10.57
C GLU B 116 25.31 30.01 -11.35
N TYR B 117 25.22 28.74 -10.90
CA TYR B 117 24.33 27.72 -11.50
C TYR B 117 22.87 28.15 -11.59
N GLN B 118 22.38 28.72 -10.50
CA GLN B 118 20.96 28.96 -10.33
C GLN B 118 20.50 30.15 -11.13
N ALA B 119 21.46 31.03 -11.43
CA ALA B 119 21.26 32.12 -12.35
C ALA B 119 20.90 31.60 -13.75
N LYS B 120 21.51 30.48 -14.12
CA LYS B 120 21.44 29.91 -15.47
C LYS B 120 20.27 28.93 -15.60
N TYR B 121 19.91 28.22 -14.53
CA TYR B 121 18.76 27.29 -14.59
C TYR B 121 17.84 27.40 -13.41
N PRO B 122 16.53 27.29 -13.63
CA PRO B 122 15.63 27.12 -12.50
C PRO B 122 15.11 25.69 -12.31
N ASN B 123 14.73 25.38 -11.07
CA ASN B 123 14.03 24.16 -10.69
C ASN B 123 14.86 22.89 -10.80
N GLN B 124 16.17 23.04 -10.66
CA GLN B 124 17.04 21.89 -10.72
C GLN B 124 17.81 21.84 -9.41
N SER B 125 18.77 22.75 -9.26
CA SER B 125 19.26 22.97 -7.93
C SER B 125 18.35 23.98 -7.28
N LEU B 126 17.83 23.57 -6.13
CA LEU B 126 16.97 24.42 -5.36
C LEU B 126 17.74 25.15 -4.27
N GLY B 127 19.04 24.90 -4.16
CA GLY B 127 19.84 25.61 -3.20
C GLY B 127 20.84 24.75 -2.51
N LEU B 128 21.80 25.39 -1.87
CA LEU B 128 22.75 24.71 -1.05
C LEU B 128 22.07 24.05 0.12
N HIS B 129 22.67 22.95 0.56
CA HIS B 129 22.36 22.30 1.80
C HIS B 129 23.70 22.29 2.48
N LEU B 130 23.85 23.09 3.53
CA LEU B 130 25.12 23.08 4.22
C LEU B 130 25.01 22.19 5.45
N GLU B 131 25.91 21.23 5.53
CA GLU B 131 25.91 20.30 6.62
C GLU B 131 27.18 20.53 7.44
N GLY B 132 27.04 20.90 8.69
CA GLY B 132 28.21 21.09 9.54
C GLY B 132 28.57 22.56 9.70
N PRO B 133 29.80 22.85 10.23
CA PRO B 133 30.87 21.87 10.46
C PRO B 133 30.58 20.88 11.59
N ASP B 152 31.61 31.26 14.67
CA ASP B 152 30.27 30.69 14.79
C ASP B 152 29.28 31.80 14.52
N ASP B 153 29.32 32.85 15.34
CA ASP B 153 28.55 34.07 15.10
C ASP B 153 28.66 34.47 13.64
N THR B 154 29.90 34.66 13.20
CA THR B 154 30.21 35.24 11.92
C THR B 154 29.91 34.31 10.75
N MET B 155 29.98 33.02 11.00
CA MET B 155 29.54 32.00 10.05
C MET B 155 28.04 32.13 9.71
N ILE B 156 27.19 32.14 10.74
CA ILE B 156 25.73 32.28 10.57
C ILE B 156 25.38 33.55 9.80
N ASP B 157 26.04 34.64 10.12
CA ASP B 157 25.80 35.89 9.42
C ASP B 157 25.97 35.72 7.91
N THR B 158 27.07 35.07 7.54
CA THR B 158 27.44 34.79 6.17
C THR B 158 26.38 33.90 5.55
N ILE B 159 25.97 32.85 6.27
CA ILE B 159 24.89 32.02 5.75
C ILE B 159 23.66 32.90 5.56
N CYS B 160 23.21 33.58 6.61
CA CYS B 160 22.01 34.41 6.49
C CYS B 160 22.13 35.45 5.36
N ALA B 161 23.32 36.02 5.21
CA ALA B 161 23.54 37.05 4.19
C ALA B 161 23.32 36.45 2.83
N ASN B 162 23.41 35.15 2.71
CA ASN B 162 23.36 34.56 1.40
C ASN B 162 22.18 33.63 1.28
N SER B 163 21.12 33.89 2.07
CA SER B 163 19.97 32.97 2.08
C SER B 163 19.37 32.72 0.71
N ASP B 164 19.44 33.73 -0.16
CA ASP B 164 18.92 33.62 -1.50
C ASP B 164 19.49 32.45 -2.31
N VAL B 165 20.69 31.91 -1.98
CA VAL B 165 21.11 30.61 -2.57
C VAL B 165 21.28 29.43 -1.65
N ILE B 166 20.79 29.53 -0.41
CA ILE B 166 20.98 28.47 0.58
C ILE B 166 19.61 28.01 1.00
N ALA B 167 19.32 26.74 0.75
CA ALA B 167 18.01 26.22 1.03
C ALA B 167 17.94 25.64 2.42
N LYS B 168 19.06 25.10 2.91
CA LYS B 168 19.04 24.28 4.10
C LYS B 168 20.36 24.17 4.81
N VAL B 169 20.31 24.20 6.14
CA VAL B 169 21.48 23.97 7.00
C VAL B 169 21.20 22.77 7.95
N THR B 170 22.22 21.90 8.13
CA THR B 170 22.16 20.85 9.13
C THR B 170 23.12 21.22 10.27
N LEU B 171 22.66 21.08 11.50
CA LEU B 171 23.45 21.45 12.64
C LEU B 171 23.01 20.68 13.90
N ALA B 172 23.82 20.79 14.94
CA ALA B 172 23.57 20.09 16.17
C ALA B 172 23.33 21.12 17.24
N PRO B 173 22.07 21.25 17.68
CA PRO B 173 21.66 22.38 18.48
C PRO B 173 22.29 22.42 19.85
N GLU B 174 22.72 21.28 20.39
CA GLU B 174 23.47 21.29 21.67
C GLU B 174 24.68 22.21 21.59
N ASN B 175 24.90 22.79 20.42
CA ASN B 175 26.16 23.48 20.09
C ASN B 175 26.00 24.90 19.59
N ASN B 176 24.82 25.46 19.70
CA ASN B 176 24.60 26.72 19.06
C ASN B 176 23.57 27.54 19.81
N LYS B 177 23.84 28.83 19.91
CA LYS B 177 22.88 29.77 20.44
C LYS B 177 21.51 29.46 19.77
N PRO B 178 20.44 29.33 20.58
CA PRO B 178 19.09 29.24 19.97
C PRO B 178 18.83 30.34 18.93
N GLU B 179 19.36 31.55 19.17
CA GLU B 179 19.27 32.66 18.21
C GLU B 179 19.89 32.32 16.86
N HIS B 180 20.96 31.53 16.88
CA HIS B 180 21.47 30.96 15.65
C HIS B 180 20.39 30.29 14.81
N ILE B 181 19.60 29.40 15.40
CA ILE B 181 18.48 28.81 14.66
C ILE B 181 17.42 29.85 14.24
N GLU B 182 17.11 30.80 15.11
CA GLU B 182 16.05 31.78 14.83
C GLU B 182 16.37 32.66 13.63
N LYS B 183 17.62 33.15 13.59
CA LYS B 183 18.08 33.98 12.49
C LYS B 183 17.95 33.24 11.14
N LEU B 184 18.47 32.01 11.10
CA LEU B 184 18.42 31.22 9.92
C LEU B 184 16.96 31.05 9.52
N VAL B 185 16.14 30.57 10.44
CA VAL B 185 14.74 30.37 10.12
C VAL B 185 14.18 31.68 9.56
N LYS B 186 14.47 32.78 10.25
CA LYS B 186 13.95 34.09 9.85
C LYS B 186 14.43 34.43 8.47
N ALA B 187 15.67 34.06 8.17
CA ALA B 187 16.30 34.37 6.90
C ALA B 187 15.55 33.71 5.75
N GLY B 188 14.78 32.68 6.05
CA GLY B 188 14.21 31.89 5.00
C GLY B 188 14.85 30.52 4.91
N ILE B 189 16.02 30.28 5.52
CA ILE B 189 16.62 28.92 5.46
C ILE B 189 15.80 27.88 6.22
N VAL B 190 15.99 26.59 5.88
CA VAL B 190 15.49 25.49 6.68
C VAL B 190 16.62 24.89 7.56
N VAL B 191 16.37 24.78 8.85
CA VAL B 191 17.35 24.21 9.77
C VAL B 191 17.02 22.76 10.12
N SER B 192 17.98 21.86 9.95
CA SER B 192 17.72 20.48 10.18
C SER B 192 18.58 20.07 11.34
N ILE B 193 18.07 19.20 12.19
CA ILE B 193 18.91 18.61 13.26
C ILE B 193 19.62 17.41 12.66
N GLY B 194 20.92 17.29 12.91
CA GLY B 194 21.63 16.13 12.44
C GLY B 194 22.96 16.17 13.14
N HIS B 195 23.73 15.07 13.04
CA HIS B 195 25.09 14.93 13.63
C HIS B 195 25.14 15.35 15.05
N THR B 196 24.28 14.74 15.84
CA THR B 196 23.89 15.39 17.05
C THR B 196 23.86 14.45 18.19
N ASN B 197 24.35 14.98 19.29
CA ASN B 197 24.36 14.25 20.53
C ASN B 197 23.28 14.76 21.49
N ALA B 198 22.21 15.37 20.92
CA ALA B 198 21.18 16.05 21.69
C ALA B 198 20.32 15.10 22.50
N THR B 199 19.82 15.61 23.63
CA THR B 199 18.83 14.88 24.41
C THR B 199 17.47 15.23 23.81
N TYR B 200 16.50 14.42 24.16
CA TYR B 200 15.16 14.62 23.72
C TYR B 200 14.73 16.05 24.02
N SER B 201 15.06 16.52 25.22
CA SER B 201 14.55 17.81 25.57
C SER B 201 15.35 18.94 24.91
N GLU B 202 16.57 18.64 24.50
CA GLU B 202 17.34 19.56 23.68
C GLU B 202 16.76 19.71 22.25
N ALA B 203 16.64 18.60 21.52
CA ALA B 203 15.97 18.59 20.23
C ALA B 203 14.61 19.30 20.28
N ARG B 204 13.81 18.91 21.26
CA ARG B 204 12.49 19.49 21.38
C ARG B 204 12.50 21.01 21.48
N LYS B 205 13.51 21.54 22.17
CA LYS B 205 13.82 22.99 22.24
C LYS B 205 14.28 23.62 20.94
N SER B 206 15.14 22.92 20.21
CA SER B 206 15.56 23.38 18.88
C SER B 206 14.35 23.50 17.94
N PHE B 207 13.47 22.50 18.00
CA PHE B 207 12.29 22.52 17.18
C PHE B 207 11.50 23.75 17.50
N GLU B 208 11.42 24.12 18.77
CA GLU B 208 10.72 25.37 19.11
C GLU B 208 11.38 26.64 18.56
N SER B 209 12.71 26.63 18.57
CA SER B 209 13.51 27.67 17.95
C SER B 209 13.34 27.74 16.42
N GLY B 210 12.95 26.64 15.79
CA GLY B 210 12.65 26.74 14.39
C GLY B 210 13.10 25.61 13.50
N ILE B 211 13.68 24.55 14.07
CA ILE B 211 14.07 23.41 13.26
C ILE B 211 12.82 22.71 12.80
N THR B 212 12.84 22.25 11.56
CA THR B 212 11.68 21.65 10.92
C THR B 212 12.04 20.35 10.22
N PHE B 213 13.32 20.04 10.13
CA PHE B 213 13.75 18.89 9.39
C PHE B 213 14.71 18.12 10.26
N ALA B 214 14.98 16.86 9.86
CA ALA B 214 15.99 16.01 10.48
C ALA B 214 16.81 15.26 9.44
N THR B 215 18.11 15.24 9.65
CA THR B 215 19.05 14.75 8.64
C THR B 215 19.46 13.30 8.83
N HIS B 216 19.17 12.51 7.80
CA HIS B 216 19.17 11.04 7.85
C HIS B 216 18.79 10.42 9.19
N LEU B 217 17.48 10.31 9.39
CA LEU B 217 16.91 9.68 10.56
C LEU B 217 17.60 8.39 10.87
N PHE B 218 17.93 8.21 12.14
CA PHE B 218 18.73 7.08 12.66
C PHE B 218 20.24 7.24 12.51
N ASN B 219 20.71 7.91 11.47
CA ASN B 219 22.15 8.03 11.24
C ASN B 219 22.72 9.26 11.96
N ALA B 220 23.80 9.05 12.72
CA ALA B 220 24.55 10.15 13.37
C ALA B 220 23.78 10.95 14.44
N MET B 221 22.78 10.34 15.07
CA MET B 221 21.94 11.10 15.97
C MET B 221 21.51 10.27 17.14
N THR B 222 21.41 10.92 18.30
CA THR B 222 21.00 10.28 19.57
C THR B 222 19.78 9.38 19.46
N PRO B 223 19.98 8.07 19.72
CA PRO B 223 18.97 7.02 19.58
C PRO B 223 17.88 7.09 20.65
N MET B 224 16.83 6.31 20.45
CA MET B 224 15.70 6.34 21.35
C MET B 224 15.82 5.26 22.43
N VAL B 225 16.22 5.64 23.65
CA VAL B 225 16.23 4.61 24.72
C VAL B 225 15.09 4.81 25.77
N GLY B 226 14.85 3.77 26.57
CA GLY B 226 13.71 3.73 27.48
C GLY B 226 13.61 4.95 28.36
N ARG B 227 14.75 5.38 28.85
CA ARG B 227 14.77 6.48 29.81
C ARG B 227 15.20 7.82 29.21
N GLU B 228 15.66 7.81 27.96
CA GLU B 228 16.04 9.01 27.23
C GLU B 228 15.75 8.83 25.74
N PRO B 229 14.60 9.37 25.28
CA PRO B 229 14.06 9.19 23.92
C PRO B 229 15.06 9.66 22.86
N GLY B 230 15.93 10.58 23.25
CA GLY B 230 16.97 11.02 22.37
C GLY B 230 16.40 11.81 21.23
N VAL B 231 17.18 11.93 20.15
CA VAL B 231 16.71 12.65 18.99
C VAL B 231 15.60 11.89 18.23
N VAL B 232 15.83 10.64 17.82
CA VAL B 232 14.76 10.01 17.03
C VAL B 232 13.44 10.11 17.79
N GLY B 233 13.50 9.89 19.11
CA GLY B 233 12.38 10.09 20.01
C GLY B 233 11.72 11.46 19.88
N ALA B 234 12.55 12.50 19.97
CA ALA B 234 12.08 13.85 19.76
C ALA B 234 11.41 13.97 18.41
N ILE B 235 12.03 13.37 17.39
CA ILE B 235 11.57 13.52 16.01
C ILE B 235 10.22 12.86 15.92
N TYR B 236 10.13 11.64 16.46
CA TYR B 236 8.90 10.86 16.50
C TYR B 236 7.77 11.61 17.18
N ASP B 237 8.09 12.35 18.26
CA ASP B 237 7.11 13.03 19.12
C ASP B 237 6.67 14.43 18.60
N THR B 238 7.39 14.96 17.61
CA THR B 238 7.13 16.31 17.08
C THR B 238 6.54 16.21 15.65
N PRO B 239 5.22 16.38 15.53
CA PRO B 239 4.59 16.02 14.29
C PRO B 239 5.02 16.87 13.10
N GLU B 240 5.43 18.10 13.33
CA GLU B 240 5.81 18.92 12.19
C GLU B 240 7.31 18.83 11.80
N VAL B 241 8.08 17.92 12.39
CA VAL B 241 9.46 17.73 11.93
C VAL B 241 9.49 16.73 10.77
N TYR B 242 10.16 17.10 9.69
CA TYR B 242 10.41 16.18 8.59
C TYR B 242 11.62 15.36 9.00
N ALA B 243 11.62 14.08 8.60
CA ALA B 243 12.75 13.19 8.75
C ALA B 243 13.26 12.74 7.36
N GLY B 244 14.51 13.06 6.99
CA GLY B 244 15.13 12.50 5.78
C GLY B 244 15.54 11.05 6.08
N ILE B 245 15.38 10.15 5.12
CA ILE B 245 15.80 8.78 5.38
C ILE B 245 16.48 8.15 4.16
N ILE B 246 17.55 7.37 4.41
CA ILE B 246 18.26 6.70 3.33
C ILE B 246 17.75 5.26 3.26
N ALA B 247 17.06 4.91 2.17
CA ALA B 247 16.47 3.56 2.03
C ALA B 247 17.26 2.63 1.12
N ASP B 248 18.52 2.42 1.47
CA ASP B 248 19.37 1.55 0.67
C ASP B 248 19.53 0.22 1.38
N GLY B 249 18.89 0.09 2.53
CA GLY B 249 18.99 -1.12 3.30
C GLY B 249 20.37 -1.29 3.87
N PHE B 250 21.21 -0.27 3.76
CA PHE B 250 22.51 -0.29 4.46
C PHE B 250 22.52 0.64 5.67
N HIS B 251 21.98 1.84 5.51
CA HIS B 251 22.06 2.82 6.57
C HIS B 251 21.07 2.60 7.70
N VAL B 252 19.84 2.21 7.34
CA VAL B 252 18.85 1.81 8.34
C VAL B 252 18.12 0.57 7.84
N ASP B 253 17.92 -0.36 8.77
CA ASP B 253 17.12 -1.56 8.53
C ASP B 253 15.72 -1.27 8.02
N TYR B 254 15.29 -2.03 7.03
CA TYR B 254 14.00 -1.76 6.40
C TYR B 254 12.80 -1.68 7.37
N ALA B 255 12.84 -2.49 8.42
CA ALA B 255 11.81 -2.48 9.45
C ALA B 255 11.74 -1.10 10.14
N ASN B 256 12.90 -0.55 10.50
CA ASN B 256 12.93 0.82 11.03
C ASN B 256 12.23 1.86 10.17
N ILE B 257 12.45 1.81 8.86
CA ILE B 257 11.75 2.65 7.90
C ILE B 257 10.24 2.39 7.92
N ARG B 258 9.81 1.13 7.85
CA ARG B 258 8.41 0.79 8.00
C ARG B 258 7.78 1.48 9.21
N ILE B 259 8.42 1.25 10.36
CA ILE B 259 8.02 1.85 11.63
C ILE B 259 7.96 3.38 11.53
N ALA B 260 9.05 3.99 11.06
CA ALA B 260 9.11 5.43 10.92
C ALA B 260 8.00 5.95 10.04
N HIS B 261 7.69 5.27 8.94
CA HIS B 261 6.63 5.76 8.09
C HIS B 261 5.26 5.79 8.80
N LYS B 262 5.03 4.78 9.65
CA LYS B 262 3.77 4.67 10.32
C LYS B 262 3.63 5.75 11.36
N ILE B 263 4.74 6.08 12.04
CA ILE B 263 4.73 7.20 12.96
C ILE B 263 4.66 8.51 12.21
N LYS B 264 5.45 8.66 11.14
CA LYS B 264 5.78 10.00 10.64
C LYS B 264 4.97 10.47 9.44
N GLY B 265 4.24 9.53 8.85
CA GLY B 265 3.37 9.76 7.69
C GLY B 265 3.98 10.54 6.57
N GLU B 266 3.37 11.68 6.32
CA GLU B 266 3.79 12.58 5.27
C GLU B 266 5.10 13.32 5.56
N LYS B 267 5.69 13.16 6.73
CA LYS B 267 6.88 13.91 7.04
C LYS B 267 8.11 13.06 6.86
N LEU B 268 7.92 11.86 6.30
CA LEU B 268 9.04 10.99 5.97
C LEU B 268 9.45 11.30 4.56
N VAL B 269 10.68 11.76 4.42
CA VAL B 269 11.19 12.12 3.10
C VAL B 269 12.26 11.12 2.69
N LEU B 270 12.21 10.74 1.41
CA LEU B 270 13.22 9.87 0.87
C LEU B 270 14.44 10.66 0.39
N VAL B 271 15.58 10.35 0.94
CA VAL B 271 16.80 11.09 0.65
C VAL B 271 17.89 10.13 0.17
N THR B 272 18.85 10.59 -0.60
CA THR B 272 19.90 9.65 -0.98
C THR B 272 21.17 9.82 -0.17
N ASP B 273 21.56 11.05 0.16
CA ASP B 273 22.88 11.29 0.79
C ASP B 273 24.03 10.66 -0.07
N ALA B 274 23.77 10.56 -1.37
CA ALA B 274 24.64 9.80 -2.26
C ALA B 274 26.00 10.45 -2.52
N THR B 275 26.93 9.62 -2.98
CA THR B 275 28.29 10.04 -3.27
C THR B 275 28.74 9.60 -4.69
N ALA B 276 29.91 10.08 -5.12
CA ALA B 276 30.49 9.85 -6.49
C ALA B 276 30.04 8.59 -7.29
N PRO B 277 30.16 7.39 -6.69
CA PRO B 277 29.80 6.16 -7.38
C PRO B 277 28.34 6.04 -7.78
N ALA B 278 27.46 6.85 -7.19
CA ALA B 278 26.04 6.80 -7.52
C ALA B 278 25.83 7.18 -9.00
N GLY B 279 25.26 6.27 -9.78
CA GLY B 279 25.01 6.53 -11.21
C GLY B 279 26.24 6.84 -12.05
N ALA B 280 27.24 5.95 -11.99
CA ALA B 280 28.58 6.19 -12.54
C ALA B 280 29.39 4.94 -12.31
N GLU B 281 30.06 4.44 -13.33
CA GLU B 281 30.96 3.27 -13.17
C GLU B 281 32.28 3.74 -12.54
N MET B 282 32.63 3.22 -11.37
CA MET B 282 33.67 3.82 -10.53
C MET B 282 34.30 2.86 -9.53
N ASP B 283 35.61 3.03 -9.25
CA ASP B 283 36.31 2.13 -8.35
C ASP B 283 36.39 2.64 -6.91
N TYR B 284 36.94 3.83 -6.71
CA TYR B 284 37.04 4.43 -5.37
C TYR B 284 36.99 5.95 -5.41
N PHE B 285 37.00 6.58 -4.24
CA PHE B 285 36.99 8.05 -4.10
C PHE B 285 37.39 8.44 -2.68
N ILE B 286 37.79 9.69 -2.50
CA ILE B 286 38.01 10.22 -1.18
C ILE B 286 36.66 10.79 -0.74
N PHE B 287 36.22 10.41 0.45
CA PHE B 287 35.10 11.06 1.14
C PHE B 287 35.72 11.83 2.30
N VAL B 288 35.62 13.16 2.29
CA VAL B 288 36.29 14.02 3.30
C VAL B 288 37.15 13.16 4.23
N GLY B 289 38.35 12.80 3.77
CA GLY B 289 39.28 11.95 4.54
C GLY B 289 39.67 10.64 3.87
N LYS B 290 39.17 9.52 4.41
CA LYS B 290 39.47 8.17 3.93
C LYS B 290 39.01 7.91 2.50
N LYS B 291 39.76 7.01 1.82
CA LYS B 291 39.39 6.49 0.51
C LYS B 291 38.46 5.28 0.62
N VAL B 292 37.20 5.51 0.25
CA VAL B 292 36.16 4.48 0.26
C VAL B 292 35.99 3.81 -1.12
N TYR B 293 35.87 2.48 -1.12
CA TYR B 293 35.77 1.70 -2.36
C TYR B 293 34.32 1.37 -2.69
N TYR B 294 34.09 1.00 -3.95
CA TYR B 294 32.75 0.69 -4.45
C TYR B 294 32.61 -0.78 -4.90
N ARG B 295 32.23 -1.65 -3.96
CA ARG B 295 32.15 -3.09 -4.20
C ARG B 295 30.71 -3.56 -4.05
N ASP B 296 30.17 -4.16 -5.12
CA ASP B 296 28.77 -4.63 -5.22
C ASP B 296 27.78 -3.54 -4.80
N GLY B 297 27.80 -2.44 -5.54
CA GLY B 297 26.90 -1.30 -5.33
C GLY B 297 26.82 -0.82 -3.89
N LYS B 298 27.96 -0.81 -3.20
CA LYS B 298 28.02 -0.46 -1.78
C LYS B 298 29.38 0.17 -1.45
N CYS B 299 29.37 1.19 -0.60
CA CYS B 299 30.58 1.90 -0.21
C CYS B 299 31.14 1.37 1.11
N VAL B 300 32.43 1.03 1.10
CA VAL B 300 33.13 0.32 2.18
C VAL B 300 34.58 0.80 2.36
N ASP B 301 35.27 0.32 3.40
CA ASP B 301 36.76 0.32 3.40
C ASP B 301 37.26 -1.01 2.83
N GLU B 302 38.58 -1.16 2.68
CA GLU B 302 39.12 -2.48 2.39
C GLU B 302 38.74 -3.33 3.60
N ASN B 303 38.45 -2.65 4.71
CA ASN B 303 37.84 -3.24 5.91
C ASN B 303 36.47 -3.84 5.60
N GLY B 304 35.66 -3.10 4.84
CA GLY B 304 34.31 -3.54 4.47
C GLY B 304 33.16 -2.92 5.24
N THR B 305 33.44 -1.88 6.04
CA THR B 305 32.40 -1.07 6.70
C THR B 305 31.75 -0.10 5.75
N LEU B 306 30.52 0.28 6.10
CA LEU B 306 29.79 1.33 5.41
C LEU B 306 30.58 2.66 5.45
N GLY B 307 30.79 3.22 4.24
CA GLY B 307 31.60 4.43 4.04
C GLY B 307 30.91 5.56 3.26
N GLY B 308 29.60 5.43 3.06
CA GLY B 308 28.83 6.43 2.30
C GLY B 308 27.71 5.78 1.51
N SER B 309 26.88 6.60 0.90
CA SER B 309 25.74 6.13 0.13
C SER B 309 25.98 6.24 -1.36
N ALA B 310 25.46 5.27 -2.10
CA ALA B 310 25.55 5.26 -3.55
C ALA B 310 24.14 5.16 -4.11
N LEU B 311 23.16 5.53 -3.30
CA LEU B 311 21.75 5.31 -3.58
C LEU B 311 21.19 6.38 -4.52
N THR B 312 20.12 6.02 -5.18
CA THR B 312 19.65 6.77 -6.30
C THR B 312 18.23 7.00 -5.91
N MET B 313 17.61 8.06 -6.41
CA MET B 313 16.24 8.30 -5.99
C MET B 313 15.31 7.11 -6.35
N ILE B 314 15.28 6.73 -7.64
CA ILE B 314 14.45 5.61 -8.11
C ILE B 314 14.67 4.28 -7.36
N GLU B 315 15.91 3.99 -7.00
CA GLU B 315 16.20 2.79 -6.21
C GLU B 315 15.55 2.95 -4.84
N ALA B 316 15.68 4.15 -4.27
CA ALA B 316 14.98 4.48 -3.03
C ALA B 316 13.44 4.20 -3.13
N VAL B 317 12.82 4.67 -4.19
CA VAL B 317 11.38 4.51 -4.33
C VAL B 317 11.10 3.04 -4.43
N GLN B 318 11.92 2.36 -5.22
CA GLN B 318 11.79 0.93 -5.42
C GLN B 318 11.93 0.12 -4.13
N ASN B 319 13.00 0.41 -3.38
CA ASN B 319 13.29 -0.27 -2.14
C ASN B 319 12.17 -0.15 -1.12
N THR B 320 11.59 1.04 -1.04
CA THR B 320 10.52 1.24 -0.05
C THR B 320 9.31 0.48 -0.55
N VAL B 321 9.05 0.52 -1.84
CA VAL B 321 7.96 -0.30 -2.31
C VAL B 321 8.23 -1.77 -1.97
N GLU B 322 9.34 -2.29 -2.46
CA GLU B 322 9.63 -3.69 -2.40
C GLU B 322 10.03 -4.26 -1.06
N HIS B 323 10.77 -3.53 -0.23
CA HIS B 323 11.12 -4.09 1.08
C HIS B 323 10.65 -3.27 2.27
N VAL B 324 9.76 -2.31 2.11
CA VAL B 324 9.35 -1.56 3.31
C VAL B 324 7.85 -1.69 3.34
N GLY B 325 7.30 -2.03 2.20
CA GLY B 325 5.93 -2.47 2.18
C GLY B 325 4.98 -1.34 1.93
N ILE B 326 5.51 -0.20 1.47
CA ILE B 326 4.70 0.98 1.23
C ILE B 326 4.21 0.98 -0.21
N ALA B 327 2.95 1.37 -0.41
CA ALA B 327 2.30 1.40 -1.73
C ALA B 327 3.05 2.36 -2.67
N LEU B 328 3.07 2.03 -3.97
CA LEU B 328 3.88 2.81 -4.91
C LEU B 328 3.57 4.32 -4.84
N ASP B 329 2.29 4.68 -4.73
CA ASP B 329 1.95 6.12 -4.80
C ASP B 329 2.48 6.89 -3.59
N GLU B 330 2.40 6.26 -2.43
CA GLU B 330 2.95 6.86 -1.25
C GLU B 330 4.46 6.93 -1.36
N ALA B 331 5.07 5.86 -1.88
CA ALA B 331 6.52 5.82 -2.02
C ALA B 331 6.92 7.01 -2.88
N LEU B 332 6.26 7.12 -4.03
CA LEU B 332 6.41 8.26 -4.91
C LEU B 332 6.30 9.61 -4.20
N ARG B 333 5.31 9.76 -3.31
CA ARG B 333 5.10 11.01 -2.59
C ARG B 333 6.30 11.37 -1.69
N MET B 334 6.86 10.35 -1.05
CA MET B 334 8.08 10.48 -0.25
C MET B 334 9.26 10.96 -1.04
N ALA B 335 9.17 10.84 -2.36
CA ALA B 335 10.25 11.17 -3.27
C ALA B 335 10.03 12.53 -3.90
N THR B 336 8.80 13.06 -3.79
CA THR B 336 8.35 14.21 -4.59
C THR B 336 7.58 15.29 -3.79
N LEU B 337 6.43 14.95 -3.21
CA LEU B 337 5.60 15.98 -2.61
C LEU B 337 6.14 16.35 -1.21
N TYR B 338 6.45 15.34 -0.42
CA TYR B 338 7.01 15.56 0.91
C TYR B 338 8.30 16.38 0.95
N PRO B 339 9.29 16.07 0.08
CA PRO B 339 10.50 16.88 0.04
C PRO B 339 10.19 18.30 -0.47
N ALA B 340 9.30 18.41 -1.47
CA ALA B 340 8.77 19.67 -1.95
C ALA B 340 8.15 20.48 -0.80
N LYS B 341 7.28 19.86 -0.03
CA LYS B 341 6.77 20.54 1.15
C LYS B 341 7.87 20.89 2.11
N ALA B 342 8.77 19.96 2.40
CA ALA B 342 9.81 20.19 3.42
C ALA B 342 10.64 21.42 3.12
N ILE B 343 10.94 21.71 1.87
CA ILE B 343 11.70 22.95 1.58
C ILE B 343 10.84 24.02 0.94
N GLY B 344 9.53 23.86 1.01
CA GLY B 344 8.55 24.88 0.62
C GLY B 344 8.53 25.26 -0.84
N VAL B 345 8.62 24.28 -1.74
CA VAL B 345 8.63 24.54 -3.20
C VAL B 345 7.44 23.86 -3.83
N ASP B 346 6.62 23.26 -2.99
CA ASP B 346 5.46 22.51 -3.43
C ASP B 346 4.34 23.36 -4.06
N GLU B 347 4.50 24.69 -4.05
CA GLU B 347 3.60 25.51 -4.79
C GLU B 347 3.99 25.37 -6.25
N LYS B 348 5.27 25.07 -6.53
CA LYS B 348 5.76 24.97 -7.92
C LYS B 348 6.19 23.59 -8.37
N LEU B 349 6.76 22.82 -7.45
CA LEU B 349 7.22 21.48 -7.78
C LEU B 349 6.54 20.45 -6.89
N GLY B 350 6.56 19.18 -7.31
CA GLY B 350 6.21 18.06 -6.44
C GLY B 350 4.87 17.38 -6.65
N ARG B 351 4.10 17.91 -7.59
CA ARG B 351 2.79 17.37 -7.95
C ARG B 351 2.54 17.52 -9.41
N ILE B 352 1.78 16.64 -10.03
CA ILE B 352 1.42 16.96 -11.40
C ILE B 352 0.00 17.55 -11.54
N LYS B 353 -0.06 18.89 -11.58
CA LYS B 353 -1.31 19.67 -11.72
C LYS B 353 -1.20 21.03 -12.43
N LYS B 354 -2.33 21.55 -12.87
CA LYS B 354 -2.32 22.72 -13.72
C LYS B 354 -1.51 23.85 -13.08
N GLY B 355 -0.57 24.43 -13.80
CA GLY B 355 0.15 25.58 -13.25
C GLY B 355 1.45 25.32 -12.51
N MET B 356 1.66 24.08 -12.09
CA MET B 356 2.94 23.66 -11.47
C MET B 356 4.02 23.62 -12.53
N ILE B 357 5.29 23.63 -12.12
CA ILE B 357 6.37 23.53 -13.10
C ILE B 357 6.53 22.11 -13.62
N ALA B 358 6.73 21.98 -14.93
CA ALA B 358 6.79 20.65 -15.54
C ALA B 358 8.15 19.98 -15.42
N ASN B 359 8.43 19.42 -14.25
CA ASN B 359 9.50 18.46 -14.07
C ASN B 359 8.85 17.10 -13.76
N LEU B 360 8.96 16.17 -14.72
CA LEU B 360 8.35 14.88 -14.61
C LEU B 360 9.43 13.84 -14.82
N THR B 361 9.19 12.63 -14.33
CA THR B 361 10.05 11.47 -14.54
C THR B 361 9.17 10.34 -15.04
N VAL B 362 9.62 9.65 -16.09
CA VAL B 362 8.98 8.39 -16.52
C VAL B 362 9.85 7.13 -16.25
N PHE B 363 9.18 6.06 -15.82
CA PHE B 363 9.89 4.82 -15.51
C PHE B 363 8.93 3.64 -15.71
N ASP B 364 9.48 2.43 -15.78
CA ASP B 364 8.68 1.25 -16.08
C ASP B 364 8.34 0.41 -14.85
N ARG B 365 7.56 -0.63 -15.09
CA ARG B 365 7.37 -1.74 -14.14
C ARG B 365 8.58 -2.06 -13.25
N ASP B 366 9.78 -2.12 -13.82
CA ASP B 366 10.92 -2.64 -13.08
C ASP B 366 11.82 -1.54 -12.54
N PHE B 367 11.21 -0.36 -12.49
CA PHE B 367 11.78 0.83 -11.86
C PHE B 367 13.02 1.30 -12.62
N ASN B 368 12.99 1.21 -13.93
CA ASN B 368 13.98 1.80 -14.81
C ASN B 368 13.47 3.12 -15.38
N VAL B 369 14.20 4.20 -15.11
CA VAL B 369 13.88 5.51 -15.69
C VAL B 369 14.07 5.49 -17.20
N LYS B 370 13.13 6.05 -17.94
CA LYS B 370 13.19 6.05 -19.39
C LYS B 370 13.34 7.46 -19.94
N ALA B 371 12.63 8.42 -19.35
CA ALA B 371 12.81 9.83 -19.74
C ALA B 371 12.66 10.70 -18.53
N THR B 372 12.86 12.00 -18.72
CA THR B 372 12.46 13.02 -17.76
C THR B 372 12.01 14.27 -18.53
N VAL B 373 11.20 15.09 -17.90
CA VAL B 373 10.96 16.42 -18.44
C VAL B 373 11.37 17.42 -17.38
N VAL B 374 12.24 18.35 -17.76
CA VAL B 374 12.69 19.41 -16.88
C VAL B 374 12.25 20.68 -17.57
N ASN B 375 11.52 21.51 -16.82
CA ASN B 375 10.92 22.75 -17.34
C ASN B 375 10.26 22.58 -18.69
N GLY B 376 9.56 21.46 -18.88
CA GLY B 376 8.91 21.25 -20.17
C GLY B 376 9.73 20.61 -21.29
N GLN B 377 11.05 20.43 -21.08
CA GLN B 377 11.92 19.82 -22.06
C GLN B 377 12.00 18.32 -21.82
N TYR B 378 11.78 17.49 -22.85
CA TYR B 378 11.73 16.04 -22.70
C TYR B 378 13.13 15.42 -22.89
N GLU B 379 13.42 14.19 -22.40
CA GLU B 379 14.78 13.56 -22.63
C GLU B 379 15.00 12.03 -22.97
N GLN B 380 15.84 11.28 -22.24
CA GLN B 380 16.19 9.92 -22.67
C GLN B 380 17.51 9.53 -21.98
NI NI C . -26.72 -8.76 0.65
S SO4 D . -27.70 19.77 7.39
O1 SO4 D . -27.71 21.14 6.88
O2 SO4 D . -28.83 19.75 8.30
O3 SO4 D . -27.95 18.79 6.33
O4 SO4 D . -26.45 19.45 8.08
NI NI E . 25.79 12.80 7.39
S SO4 F . 16.96 -1.23 31.91
O1 SO4 F . 17.83 -0.16 32.34
O2 SO4 F . 15.59 -0.86 32.25
O3 SO4 F . 17.11 -1.44 30.46
O4 SO4 F . 17.33 -2.45 32.61
#